data_4JZN
#
_entry.id   4JZN
#
_cell.length_a   76.521
_cell.length_b   165.568
_cell.length_c   269.323
_cell.angle_alpha   90.00
_cell.angle_beta   90.00
_cell.angle_gamma   90.00
#
_symmetry.space_group_name_H-M   'C 2 2 21'
#
loop_
_entity.id
_entity.type
_entity.pdbx_description
1 polymer 'Anti-HCV E2 Fab HC84-1 heavy chain'
2 polymer 'Anti-HCV E2 Fab HC84-1 light chain'
3 polymer 'Envelope glycoprotein E2'
4 non-polymer 'SULFATE ION'
5 water water
#
loop_
_entity_poly.entity_id
_entity_poly.type
_entity_poly.pdbx_seq_one_letter_code
_entity_poly.pdbx_strand_id
1 'polypeptide(L)'
;QVQLVQSGAEVKKPGSSVKVSCEASGGTLSNYVITWVRQAPGQGLEWMGGFIPTFRTAMYAQGFQGRVTITADESTSIAY
MELTNLRSEDTAVYYCARGPLSRGYYDYWGQGTLVTVSSASTKGPSVFPLAPSSKSTSGGTAALGCLVKDYFPEPVTVSW
NSGALTSGVHTFPAVLQSSGLYSLSSVVTVPSSSLGTQTYICNVNHKPSNTKVDKKAEPKSCDKLEDDDDKAGWSHPQFE
KGGGSGGGSGGGSWSHPQFEK
;
A,C,I
2 'polypeptide(L)'
;RSSYVLTQPPSVSVAPGKTARITCGGNNIGSKSVHWYQQKPGQAPVLVVYDDSDRPSGIPERFSGSNSGNTATLTISRVE
AGDEADYYCQVWDSSSVVFGGGTKLTVLRTVAAPSVFIFPPSDEQLKSGTASVVCLLNNFYPREAKVQWKVDNALQSGNS
QESVTEQDSKDSTYSLSSTLTLSKADYEKHKVYACEVTHQGLSSPVTKSFNRGEC
;
B,D,P
3 'polypeptide(L)' NTGWLAGLFYQHK K
#
# COMPACT_ATOMS: atom_id res chain seq x y z
N GLN A 1 23.40 -25.51 -12.29
CA GLN A 1 23.03 -26.92 -12.15
C GLN A 1 23.91 -27.69 -11.15
N VAL A 2 24.83 -26.99 -10.45
CA VAL A 2 25.66 -27.63 -9.41
C VAL A 2 24.79 -27.82 -8.14
N GLN A 3 24.92 -29.00 -7.50
CA GLN A 3 24.18 -29.37 -6.30
C GLN A 3 25.16 -29.92 -5.27
N LEU A 4 25.18 -29.31 -4.07
CA LEU A 4 26.03 -29.72 -2.97
C LEU A 4 25.32 -30.89 -2.28
N VAL A 5 25.92 -32.09 -2.38
CA VAL A 5 25.38 -33.31 -1.82
C VAL A 5 26.24 -33.76 -0.63
N GLN A 6 25.60 -33.86 0.54
CA GLN A 6 26.27 -34.27 1.78
C GLN A 6 26.06 -35.73 2.15
N SER A 7 26.94 -36.26 3.02
CA SER A 7 26.83 -37.59 3.58
C SER A 7 25.61 -37.69 4.55
N GLY A 8 25.20 -38.92 4.85
CA GLY A 8 24.03 -39.21 5.65
C GLY A 8 24.14 -38.98 7.14
N ALA A 9 22.97 -38.92 7.79
CA ALA A 9 22.79 -38.79 9.26
C ALA A 9 23.58 -39.86 10.00
N GLU A 10 24.31 -39.42 11.06
CA GLU A 10 25.17 -40.28 11.88
C GLU A 10 25.00 -40.06 13.34
N VAL A 11 25.23 -41.13 14.11
CA VAL A 11 25.31 -41.09 15.56
C VAL A 11 26.81 -41.28 15.91
N LYS A 12 27.36 -40.42 16.77
CA LYS A 12 28.76 -40.50 17.20
C LYS A 12 28.87 -40.48 18.70
N LYS A 13 29.70 -41.40 19.27
CA LYS A 13 29.88 -41.48 20.70
C LYS A 13 30.54 -40.20 21.15
N PRO A 14 30.28 -39.70 22.35
CA PRO A 14 31.04 -38.53 22.80
C PRO A 14 32.55 -38.93 22.97
N GLY A 15 33.42 -37.95 22.79
CA GLY A 15 34.87 -38.14 22.82
C GLY A 15 35.42 -38.67 21.51
N SER A 16 34.57 -38.70 20.46
CA SER A 16 34.99 -39.20 19.15
C SER A 16 35.03 -38.09 18.14
N SER A 17 35.19 -38.51 16.91
CA SER A 17 35.42 -37.67 15.73
C SER A 17 34.34 -37.91 14.67
N VAL A 18 34.04 -36.87 13.89
CA VAL A 18 33.11 -36.98 12.76
C VAL A 18 33.73 -36.31 11.51
N LYS A 19 33.61 -36.94 10.35
CA LYS A 19 34.08 -36.33 9.11
C LYS A 19 32.88 -36.25 8.17
N VAL A 20 32.46 -35.04 7.84
CA VAL A 20 31.28 -34.85 6.98
C VAL A 20 31.72 -34.43 5.59
N SER A 21 31.20 -35.13 4.56
CA SER A 21 31.57 -34.83 3.18
C SER A 21 30.47 -33.95 2.48
N CYS A 22 30.90 -33.10 1.57
CA CYS A 22 30.11 -32.17 0.76
C CYS A 22 30.59 -32.25 -0.72
N GLU A 23 29.88 -32.99 -1.61
CA GLU A 23 30.26 -33.13 -3.03
C GLU A 23 29.57 -32.12 -3.93
N ALA A 24 30.36 -31.36 -4.74
CA ALA A 24 29.81 -30.41 -5.72
C ALA A 24 29.45 -31.23 -6.98
N SER A 25 28.24 -31.88 -7.00
CA SER A 25 27.74 -32.75 -8.10
C SER A 25 28.16 -32.45 -9.58
N GLY A 26 27.52 -31.48 -10.22
CA GLY A 26 27.82 -31.10 -11.59
C GLY A 26 28.65 -29.83 -11.60
N GLY A 27 29.62 -29.77 -10.70
CA GLY A 27 30.44 -28.58 -10.55
C GLY A 27 31.81 -28.78 -9.94
N THR A 28 32.31 -27.72 -9.30
CA THR A 28 33.64 -27.65 -8.68
C THR A 28 33.59 -26.91 -7.33
N TYR A 32 36.42 -21.17 -5.66
CA TYR A 32 35.24 -20.89 -4.85
C TYR A 32 35.55 -21.03 -3.37
N VAL A 33 34.71 -20.43 -2.52
CA VAL A 33 34.80 -20.55 -1.05
C VAL A 33 33.86 -21.70 -0.63
N ILE A 34 34.39 -22.69 0.15
CA ILE A 34 33.53 -23.73 0.71
C ILE A 34 33.40 -23.42 2.21
N THR A 35 32.15 -23.35 2.72
CA THR A 35 31.83 -22.99 4.11
C THR A 35 31.08 -24.09 4.82
N TRP A 36 31.30 -24.17 6.12
CA TRP A 36 30.63 -25.10 7.00
C TRP A 36 29.92 -24.29 8.04
N VAL A 37 28.62 -24.54 8.14
CA VAL A 37 27.70 -23.86 9.07
C VAL A 37 26.92 -24.92 9.79
N ARG A 38 26.77 -24.78 11.10
CA ARG A 38 25.99 -25.79 11.81
C ARG A 38 24.72 -25.21 12.39
N GLN A 39 23.76 -26.06 12.71
CA GLN A 39 22.50 -25.62 13.30
C GLN A 39 22.01 -26.60 14.34
N ALA A 40 22.02 -26.22 15.63
CA ALA A 40 21.52 -27.12 16.67
C ALA A 40 19.99 -27.14 16.53
N PRO A 41 19.26 -28.25 16.85
CA PRO A 41 17.79 -28.25 16.65
C PRO A 41 17.04 -27.09 17.31
N GLY A 42 16.25 -26.37 16.51
CA GLY A 42 15.50 -25.20 16.94
C GLY A 42 16.31 -23.93 17.10
N GLN A 43 17.62 -23.95 16.77
CA GLN A 43 18.44 -22.75 16.96
C GLN A 43 18.86 -22.14 15.63
N GLY A 44 19.70 -21.11 15.71
CA GLY A 44 20.21 -20.39 14.56
C GLY A 44 21.45 -20.99 13.92
N LEU A 45 21.87 -20.37 12.83
CA LEU A 45 23.02 -20.72 12.02
C LEU A 45 24.33 -20.27 12.70
N GLU A 46 25.32 -21.16 12.72
CA GLU A 46 26.61 -20.87 13.35
C GLU A 46 27.72 -21.27 12.40
N TRP A 47 28.50 -20.27 11.94
CA TRP A 47 29.64 -20.45 11.05
C TRP A 47 30.72 -21.21 11.77
N MET A 48 31.30 -22.20 11.10
CA MET A 48 32.38 -23.03 11.64
C MET A 48 33.71 -22.71 10.97
N GLY A 49 33.65 -22.32 9.72
CA GLY A 49 34.82 -21.99 8.94
C GLY A 49 34.61 -22.06 7.45
N GLY A 50 35.63 -21.57 6.75
CA GLY A 50 35.70 -21.56 5.29
C GLY A 50 37.03 -22.11 4.78
N PHE A 51 37.03 -22.58 3.55
CA PHE A 51 38.25 -23.09 2.95
C PHE A 51 38.26 -22.82 1.43
N ILE A 52 39.38 -22.33 0.93
CA ILE A 52 39.55 -22.03 -0.49
C ILE A 52 40.63 -22.99 -1.04
N PRO A 53 40.20 -24.13 -1.65
CA PRO A 53 41.17 -25.14 -2.11
C PRO A 53 42.31 -24.62 -3.03
N THR A 54 41.98 -23.69 -3.95
CA THR A 54 42.89 -23.04 -4.90
C THR A 54 44.05 -22.33 -4.18
N PHE A 55 43.73 -21.55 -3.15
CA PHE A 55 44.71 -20.81 -2.38
C PHE A 55 45.17 -21.55 -1.14
N ARG A 56 44.78 -22.87 -1.04
CA ARG A 56 45.07 -23.80 0.06
C ARG A 56 44.93 -23.10 1.43
N THR A 57 44.00 -22.13 1.52
CA THR A 57 43.76 -21.29 2.69
C THR A 57 42.47 -21.59 3.43
N ALA A 58 42.57 -21.72 4.76
CA ALA A 58 41.44 -22.00 5.63
C ALA A 58 41.26 -20.90 6.66
N MET A 59 40.01 -20.58 7.00
CA MET A 59 39.67 -19.61 8.04
C MET A 59 38.65 -20.26 8.96
N TYR A 60 38.99 -20.35 10.25
CA TYR A 60 38.13 -21.00 11.21
C TYR A 60 37.46 -20.03 12.15
N ALA A 61 36.31 -20.44 12.66
CA ALA A 61 35.53 -19.69 13.62
C ALA A 61 36.09 -19.88 15.01
N GLN A 62 36.04 -18.83 15.83
CA GLN A 62 36.46 -18.93 17.22
C GLN A 62 35.27 -19.54 17.95
N GLY A 63 35.55 -20.36 18.95
CA GLY A 63 34.50 -21.00 19.73
C GLY A 63 34.31 -22.47 19.46
N PHE A 64 35.32 -23.09 18.82
CA PHE A 64 35.34 -24.51 18.51
C PHE A 64 36.54 -25.20 19.14
N GLN A 65 37.34 -24.44 19.92
CA GLN A 65 38.54 -24.89 20.64
C GLN A 65 39.57 -25.55 19.69
N GLY A 66 39.57 -25.14 18.42
CA GLY A 66 40.45 -25.68 17.37
C GLY A 66 40.22 -27.14 17.05
N ARG A 67 38.95 -27.60 17.15
CA ARG A 67 38.53 -28.99 16.91
C ARG A 67 38.09 -29.21 15.48
N VAL A 68 37.99 -28.14 14.69
CA VAL A 68 37.49 -28.19 13.31
C VAL A 68 38.64 -28.15 12.28
N THR A 69 38.54 -29.03 11.29
CA THR A 69 39.45 -29.09 10.15
C THR A 69 38.62 -29.21 8.85
N ILE A 70 38.79 -28.27 7.93
CA ILE A 70 38.14 -28.31 6.62
C ILE A 70 39.18 -28.67 5.54
N THR A 71 38.90 -29.73 4.78
CA THR A 71 39.74 -30.20 3.68
C THR A 71 38.92 -30.41 2.39
N ALA A 72 39.61 -30.63 1.29
CA ALA A 72 39.02 -30.86 -0.02
C ALA A 72 39.90 -31.79 -0.84
N ASP A 73 39.30 -32.38 -1.89
CA ASP A 73 39.95 -33.24 -2.86
C ASP A 73 39.46 -32.75 -4.24
N GLU A 74 40.27 -31.92 -4.91
CA GLU A 74 39.97 -31.34 -6.24
C GLU A 74 39.76 -32.40 -7.32
N SER A 75 40.48 -33.54 -7.20
CA SER A 75 40.43 -34.72 -8.09
C SER A 75 39.02 -35.34 -8.13
N THR A 76 38.33 -35.34 -6.97
CA THR A 76 36.98 -35.89 -6.81
C THR A 76 35.88 -34.82 -6.62
N SER A 77 36.29 -33.53 -6.39
CA SER A 77 35.41 -32.36 -6.12
C SER A 77 34.48 -32.56 -4.87
N ILE A 78 35.11 -33.05 -3.80
CA ILE A 78 34.45 -33.32 -2.53
C ILE A 78 35.14 -32.50 -1.43
N ALA A 79 34.32 -31.77 -0.62
CA ALA A 79 34.80 -30.99 0.54
C ALA A 79 34.51 -31.79 1.83
N TYR A 80 35.40 -31.67 2.82
CA TYR A 80 35.23 -32.38 4.09
C TYR A 80 35.33 -31.47 5.30
N MET A 81 34.57 -31.79 6.34
CA MET A 81 34.68 -31.07 7.61
C MET A 81 34.91 -32.14 8.70
N GLU A 82 36.03 -32.04 9.46
CA GLU A 82 36.29 -32.98 10.55
C GLU A 82 36.16 -32.26 11.88
N LEU A 83 35.30 -32.79 12.76
CA LEU A 83 35.10 -32.22 14.10
C LEU A 83 35.47 -33.29 15.14
N THR A 84 36.46 -32.97 15.99
CA THR A 84 37.03 -33.91 16.99
C THR A 84 36.51 -33.54 18.35
N ASN A 85 36.65 -34.50 19.34
CA ASN A 85 36.32 -34.32 20.76
C ASN A 85 34.85 -33.93 20.90
N LEU A 86 34.02 -34.69 20.20
CA LEU A 86 32.59 -34.48 20.14
C LEU A 86 31.96 -34.57 21.51
N ARG A 87 31.11 -33.61 21.82
CA ARG A 87 30.33 -33.53 23.05
C ARG A 87 28.85 -33.45 22.63
N SER A 88 27.91 -33.77 23.56
CA SER A 88 26.49 -33.74 23.27
C SER A 88 26.00 -32.40 22.70
N GLU A 89 26.67 -31.28 23.01
CA GLU A 89 26.40 -29.92 22.53
C GLU A 89 26.67 -29.76 21.03
N ASP A 90 27.36 -30.76 20.42
CA ASP A 90 27.70 -30.77 18.98
C ASP A 90 26.59 -31.47 18.16
N THR A 91 25.50 -31.91 18.79
CA THR A 91 24.35 -32.48 18.06
C THR A 91 23.80 -31.28 17.23
N ALA A 92 23.94 -31.37 15.92
CA ALA A 92 23.47 -30.32 15.01
C ALA A 92 23.33 -30.90 13.64
N VAL A 93 22.67 -30.16 12.76
CA VAL A 93 22.62 -30.38 11.33
C VAL A 93 23.81 -29.59 10.87
N TYR A 94 24.64 -30.23 10.05
CA TYR A 94 25.85 -29.66 9.49
C TYR A 94 25.67 -29.32 8.03
N TYR A 95 25.79 -28.02 7.71
CA TYR A 95 25.60 -27.61 6.33
C TYR A 95 26.90 -27.24 5.70
N CYS A 96 27.09 -27.68 4.46
CA CYS A 96 28.17 -27.14 3.64
C CYS A 96 27.49 -26.13 2.70
N ALA A 97 28.19 -25.04 2.38
CA ALA A 97 27.69 -23.98 1.51
C ALA A 97 28.84 -23.50 0.64
N ARG A 98 28.55 -23.14 -0.61
CA ARG A 98 29.54 -22.61 -1.56
C ARG A 98 29.19 -21.17 -1.95
N GLY A 99 30.21 -20.32 -1.97
CA GLY A 99 30.09 -18.93 -2.36
C GLY A 99 31.20 -18.49 -3.30
N PRO A 100 30.99 -17.44 -4.14
CA PRO A 100 32.09 -17.00 -5.02
C PRO A 100 33.20 -16.29 -4.25
N LEU A 101 34.46 -16.42 -4.73
CA LEU A 101 35.67 -15.81 -4.12
C LEU A 101 35.53 -14.33 -3.79
N SER A 102 35.93 -13.96 -2.54
CA SER A 102 35.92 -12.62 -1.95
C SER A 102 34.52 -11.91 -1.88
N ARG A 103 33.43 -12.63 -2.18
CA ARG A 103 32.06 -12.06 -2.16
C ARG A 103 31.39 -12.01 -0.77
N GLY A 104 31.68 -12.98 0.08
CA GLY A 104 31.20 -13.06 1.45
C GLY A 104 29.88 -13.76 1.72
N TYR A 105 29.12 -14.05 0.66
CA TYR A 105 27.82 -14.73 0.74
C TYR A 105 27.88 -16.14 0.12
N TYR A 106 26.87 -16.97 0.41
CA TYR A 106 26.82 -18.36 -0.03
C TYR A 106 25.54 -18.63 -0.76
N ASP A 107 25.65 -18.74 -2.09
CA ASP A 107 24.51 -18.93 -3.00
C ASP A 107 24.10 -20.38 -3.21
N TYR A 108 24.97 -21.35 -2.79
CA TYR A 108 24.65 -22.76 -2.89
C TYR A 108 24.84 -23.42 -1.52
N TRP A 109 23.84 -24.21 -1.11
CA TRP A 109 23.85 -24.92 0.17
C TRP A 109 23.55 -26.38 -0.03
N GLY A 110 24.22 -27.24 0.74
CA GLY A 110 23.95 -28.68 0.80
C GLY A 110 22.66 -28.95 1.57
N GLN A 111 22.15 -30.19 1.54
CA GLN A 111 20.89 -30.54 2.24
C GLN A 111 21.04 -30.66 3.78
N GLY A 112 22.29 -30.62 4.28
CA GLY A 112 22.56 -30.77 5.71
C GLY A 112 22.77 -32.20 6.15
N THR A 113 23.59 -32.41 7.17
CA THR A 113 23.84 -33.76 7.72
C THR A 113 23.55 -33.68 9.18
N LEU A 114 22.62 -34.49 9.69
CA LEU A 114 22.35 -34.49 11.14
C LEU A 114 23.33 -35.39 11.91
N VAL A 115 24.16 -34.78 12.72
CA VAL A 115 25.11 -35.59 13.51
C VAL A 115 24.61 -35.61 14.91
N THR A 116 24.34 -36.81 15.43
CA THR A 116 23.87 -36.92 16.81
C THR A 116 25.00 -37.44 17.70
N VAL A 117 25.37 -36.63 18.69
CA VAL A 117 26.36 -37.08 19.68
C VAL A 117 25.69 -37.80 20.84
N SER A 118 25.83 -39.12 20.86
CA SER A 118 25.20 -39.93 21.89
C SER A 118 26.00 -41.17 22.34
N SER A 119 25.86 -41.52 23.61
CA SER A 119 26.42 -42.73 24.23
C SER A 119 25.49 -43.91 23.89
N ALA A 120 24.25 -43.62 23.50
CA ALA A 120 23.26 -44.67 23.31
C ALA A 120 23.34 -45.34 21.97
N SER A 121 22.89 -46.60 21.92
CA SER A 121 22.86 -47.39 20.70
C SER A 121 21.66 -47.01 19.83
N THR A 122 21.85 -47.11 18.51
CA THR A 122 20.83 -46.83 17.50
C THR A 122 19.70 -47.85 17.55
N LYS A 123 18.46 -47.39 17.37
CA LYS A 123 17.30 -48.26 17.33
C LYS A 123 16.43 -47.83 16.13
N GLY A 124 16.09 -48.78 15.29
CA GLY A 124 15.25 -48.53 14.12
C GLY A 124 13.79 -48.54 14.52
N PRO A 125 12.90 -47.83 13.79
CA PRO A 125 11.50 -47.77 14.21
C PRO A 125 10.67 -48.99 13.85
N SER A 126 9.51 -49.09 14.49
CA SER A 126 8.43 -50.03 14.21
C SER A 126 7.40 -49.13 13.52
N VAL A 127 6.92 -49.52 12.34
CA VAL A 127 5.96 -48.74 11.56
C VAL A 127 4.59 -49.42 11.57
N PHE A 128 3.56 -48.70 12.05
CA PHE A 128 2.20 -49.23 12.11
C PHE A 128 1.24 -48.39 11.30
N PRO A 129 0.23 -48.99 10.61
CA PRO A 129 -0.71 -48.16 9.84
C PRO A 129 -1.73 -47.40 10.70
N LEU A 130 -2.19 -46.24 10.19
CA LEU A 130 -3.28 -45.47 10.75
C LEU A 130 -4.37 -45.66 9.69
N ALA A 131 -5.18 -46.71 9.87
CA ALA A 131 -6.20 -47.15 8.91
C ALA A 131 -7.35 -46.17 8.76
N PRO A 132 -7.83 -45.91 7.51
CA PRO A 132 -9.00 -45.02 7.35
C PRO A 132 -10.27 -45.68 7.89
N GLY A 139 -17.39 -38.50 5.64
CA GLY A 139 -18.02 -37.84 4.50
C GLY A 139 -17.33 -38.10 3.17
N GLY A 140 -16.83 -37.02 2.54
CA GLY A 140 -16.14 -37.04 1.25
C GLY A 140 -14.62 -37.15 1.36
N THR A 141 -14.06 -36.69 2.50
CA THR A 141 -12.63 -36.72 2.78
C THR A 141 -12.34 -37.70 3.91
N ALA A 142 -11.36 -38.60 3.68
CA ALA A 142 -10.90 -39.58 4.65
C ALA A 142 -9.45 -39.22 5.06
N ALA A 143 -9.00 -39.72 6.20
CA ALA A 143 -7.64 -39.54 6.67
C ALA A 143 -7.04 -40.88 6.97
N LEU A 144 -5.78 -41.05 6.57
CA LEU A 144 -5.02 -42.26 6.84
C LEU A 144 -3.57 -41.86 7.13
N GLY A 145 -2.76 -42.78 7.58
CA GLY A 145 -1.37 -42.48 7.85
C GLY A 145 -0.57 -43.66 8.33
N CYS A 146 0.60 -43.36 8.92
CA CYS A 146 1.55 -44.31 9.49
CA CYS A 146 1.45 -44.33 9.57
C CYS A 146 2.19 -43.76 10.76
N LEU A 147 2.23 -44.56 11.82
CA LEU A 147 2.87 -44.25 13.08
C LEU A 147 4.28 -44.87 13.01
N VAL A 148 5.31 -44.05 13.28
CA VAL A 148 6.74 -44.40 13.24
C VAL A 148 7.25 -44.30 14.68
N LYS A 149 7.23 -45.43 15.37
CA LYS A 149 7.48 -45.53 16.81
C LYS A 149 8.79 -46.11 17.25
N ASP A 150 9.34 -45.53 18.36
CA ASP A 150 10.51 -46.04 19.07
C ASP A 150 11.80 -46.11 18.26
N TYR A 151 12.31 -44.96 17.87
CA TYR A 151 13.54 -44.93 17.12
C TYR A 151 14.50 -43.98 17.76
N PHE A 152 15.79 -44.15 17.45
CA PHE A 152 16.86 -43.29 17.93
C PHE A 152 18.11 -43.49 17.05
N PRO A 153 18.82 -42.42 16.70
CA PRO A 153 18.45 -41.01 16.88
C PRO A 153 17.53 -40.53 15.74
N GLU A 154 17.42 -39.22 15.65
CA GLU A 154 16.79 -38.57 14.52
C GLU A 154 17.82 -38.61 13.35
N PRO A 155 17.38 -38.51 12.08
CA PRO A 155 16.00 -38.25 11.64
C PRO A 155 15.36 -39.48 10.99
N VAL A 156 14.09 -39.37 10.68
CA VAL A 156 13.41 -40.35 9.85
C VAL A 156 12.89 -39.51 8.69
N THR A 157 12.65 -40.14 7.53
CA THR A 157 12.00 -39.49 6.39
C THR A 157 10.79 -40.34 6.05
N VAL A 158 9.72 -39.70 5.61
CA VAL A 158 8.49 -40.40 5.22
C VAL A 158 8.04 -39.85 3.88
N SER A 159 7.78 -40.74 2.91
CA SER A 159 7.17 -40.34 1.66
C SER A 159 5.88 -41.16 1.51
N TRP A 160 5.02 -40.73 0.62
CA TRP A 160 3.77 -41.45 0.34
C TRP A 160 3.73 -41.88 -1.14
N ASN A 161 3.47 -43.19 -1.38
CA ASN A 161 3.43 -43.82 -2.71
C ASN A 161 4.71 -43.53 -3.51
N SER A 162 5.88 -43.71 -2.86
CA SER A 162 7.23 -43.45 -3.39
C SER A 162 7.44 -42.01 -3.89
N GLY A 163 6.70 -41.06 -3.30
CA GLY A 163 6.79 -39.65 -3.65
C GLY A 163 5.73 -39.13 -4.58
N ALA A 164 4.87 -40.02 -5.11
CA ALA A 164 3.76 -39.66 -6.02
C ALA A 164 2.67 -38.86 -5.30
N LEU A 165 2.44 -39.17 -3.99
CA LEU A 165 1.44 -38.50 -3.15
C LEU A 165 2.10 -37.52 -2.20
N THR A 166 1.87 -36.22 -2.42
CA THR A 166 2.46 -35.14 -1.62
C THR A 166 1.41 -34.19 -1.08
N SER A 167 0.27 -34.05 -1.78
CA SER A 167 -0.83 -33.15 -1.43
C SER A 167 -1.62 -33.70 -0.24
N GLY A 168 -1.93 -32.82 0.71
CA GLY A 168 -2.63 -33.16 1.95
C GLY A 168 -1.79 -33.93 2.97
N VAL A 169 -0.47 -34.06 2.73
CA VAL A 169 0.45 -34.79 3.62
C VAL A 169 0.90 -33.90 4.77
N HIS A 170 0.82 -34.42 6.00
CA HIS A 170 1.38 -33.80 7.19
C HIS A 170 2.24 -34.84 7.93
N THR A 171 3.56 -34.62 7.95
CA THR A 171 4.52 -35.44 8.70
C THR A 171 4.90 -34.61 9.91
N PHE A 172 4.49 -35.07 11.08
CA PHE A 172 4.68 -34.33 12.30
C PHE A 172 6.11 -34.34 12.82
N PRO A 173 6.52 -33.28 13.55
CA PRO A 173 7.79 -33.35 14.28
C PRO A 173 7.76 -34.55 15.27
N ALA A 174 8.92 -35.17 15.44
CA ALA A 174 9.08 -36.27 16.38
C ALA A 174 8.87 -35.76 17.80
N VAL A 175 8.27 -36.63 18.63
CA VAL A 175 8.12 -36.36 20.05
C VAL A 175 9.08 -37.31 20.76
N LEU A 176 9.70 -36.82 21.80
CA LEU A 176 10.59 -37.64 22.63
C LEU A 176 9.69 -38.25 23.71
N GLN A 177 9.60 -39.55 23.73
CA GLN A 177 8.78 -40.31 24.66
C GLN A 177 9.54 -40.50 25.99
N SER A 178 8.84 -40.98 27.03
CA SER A 178 9.43 -41.23 28.36
C SER A 178 10.52 -42.31 28.29
N SER A 179 10.47 -43.15 27.25
CA SER A 179 11.47 -44.18 26.99
C SER A 179 12.81 -43.58 26.54
N GLY A 180 12.81 -42.31 26.15
CA GLY A 180 13.99 -41.64 25.63
C GLY A 180 14.15 -41.90 24.14
N LEU A 181 13.13 -42.50 23.53
CA LEU A 181 13.07 -42.76 22.08
C LEU A 181 12.07 -41.84 21.41
N TYR A 182 12.26 -41.61 20.11
CA TYR A 182 11.38 -40.78 19.33
C TYR A 182 10.23 -41.54 18.73
N SER A 183 9.18 -40.79 18.43
CA SER A 183 7.99 -41.29 17.77
C SER A 183 7.39 -40.16 16.93
N LEU A 184 6.94 -40.47 15.73
CA LEU A 184 6.28 -39.54 14.84
C LEU A 184 5.16 -40.18 14.04
N SER A 185 4.22 -39.37 13.57
CA SER A 185 3.12 -39.82 12.70
C SER A 185 3.19 -39.03 11.40
N SER A 186 2.82 -39.67 10.30
CA SER A 186 2.71 -39.01 9.00
C SER A 186 1.30 -39.33 8.56
N VAL A 187 0.53 -38.31 8.26
CA VAL A 187 -0.87 -38.47 7.88
C VAL A 187 -1.16 -37.87 6.51
N VAL A 188 -2.22 -38.33 5.86
CA VAL A 188 -2.66 -37.77 4.59
C VAL A 188 -4.17 -37.86 4.49
N THR A 189 -4.82 -36.77 4.04
CA THR A 189 -6.25 -36.71 3.76
C THR A 189 -6.45 -36.96 2.26
N VAL A 190 -7.36 -37.88 1.95
CA VAL A 190 -7.65 -38.35 0.59
C VAL A 190 -9.17 -38.44 0.33
N PRO A 191 -9.66 -38.53 -0.94
CA PRO A 191 -11.13 -38.67 -1.14
C PRO A 191 -11.62 -40.03 -0.63
N SER A 192 -12.75 -40.04 0.08
CA SER A 192 -13.37 -41.26 0.58
C SER A 192 -13.66 -42.26 -0.55
N SER A 193 -14.00 -41.73 -1.74
CA SER A 193 -14.29 -42.47 -2.98
C SER A 193 -13.07 -43.25 -3.51
N SER A 194 -11.84 -42.84 -3.12
CA SER A 194 -10.59 -43.47 -3.54
C SER A 194 -10.25 -44.72 -2.73
N LEU A 195 -10.80 -44.85 -1.50
CA LEU A 195 -10.57 -46.03 -0.65
C LEU A 195 -11.33 -47.17 -1.32
N GLY A 196 -10.59 -48.22 -1.67
CA GLY A 196 -11.14 -49.37 -2.38
C GLY A 196 -10.65 -49.42 -3.81
N THR A 197 -10.15 -48.28 -4.31
CA THR A 197 -9.61 -48.08 -5.65
C THR A 197 -8.09 -47.89 -5.57
N GLN A 198 -7.66 -46.79 -4.91
CA GLN A 198 -6.26 -46.39 -4.74
C GLN A 198 -5.59 -47.12 -3.56
N THR A 199 -4.27 -47.32 -3.67
CA THR A 199 -3.44 -47.97 -2.67
C THR A 199 -2.48 -46.93 -2.07
N TYR A 200 -2.53 -46.76 -0.73
CA TYR A 200 -1.71 -45.81 0.00
C TYR A 200 -0.67 -46.50 0.83
N ILE A 201 0.58 -46.21 0.51
CA ILE A 201 1.76 -46.79 1.15
C ILE A 201 2.71 -45.69 1.62
N CYS A 202 3.16 -45.79 2.88
CA CYS A 202 4.12 -44.87 3.47
CA CYS A 202 4.14 -44.86 3.41
C CYS A 202 5.51 -45.50 3.36
N ASN A 203 6.49 -44.75 2.90
CA ASN A 203 7.85 -45.26 2.77
C ASN A 203 8.67 -44.55 3.83
N VAL A 204 9.04 -45.30 4.86
CA VAL A 204 9.80 -44.80 6.00
C VAL A 204 11.24 -45.18 5.89
N ASN A 205 12.13 -44.21 6.06
CA ASN A 205 13.56 -44.47 6.08
C ASN A 205 14.25 -43.90 7.33
N HIS A 206 15.04 -44.74 8.02
CA HIS A 206 15.85 -44.38 9.18
C HIS A 206 17.31 -44.77 8.87
N LYS A 207 18.02 -43.81 8.28
CA LYS A 207 19.40 -43.98 7.85
C LYS A 207 20.33 -44.38 8.99
N PRO A 208 20.30 -43.76 10.21
CA PRO A 208 21.23 -44.21 11.26
C PRO A 208 21.24 -45.72 11.58
N SER A 209 20.07 -46.38 11.46
CA SER A 209 19.93 -47.82 11.72
C SER A 209 19.84 -48.66 10.45
N ASN A 210 19.84 -48.01 9.25
CA ASN A 210 19.67 -48.66 7.93
C ASN A 210 18.29 -49.31 7.78
N THR A 211 17.26 -48.71 8.39
CA THR A 211 15.89 -49.23 8.31
C THR A 211 15.13 -48.58 7.17
N LYS A 212 14.51 -49.41 6.32
CA LYS A 212 13.66 -48.98 5.23
C LYS A 212 12.41 -49.85 5.26
N VAL A 213 11.26 -49.25 5.56
CA VAL A 213 9.97 -49.95 5.71
C VAL A 213 8.93 -49.29 4.81
N ASP A 214 8.10 -50.11 4.16
CA ASP A 214 6.95 -49.68 3.36
C ASP A 214 5.73 -50.28 4.04
N LYS A 215 4.72 -49.45 4.35
CA LYS A 215 3.52 -49.90 5.04
C LYS A 215 2.27 -49.41 4.37
N LYS A 216 1.33 -50.35 4.17
CA LYS A 216 0.05 -50.13 3.52
C LYS A 216 -0.93 -49.64 4.55
N ALA A 217 -1.62 -48.52 4.27
CA ALA A 217 -2.63 -47.93 5.15
C ALA A 217 -3.98 -48.10 4.46
N GLU A 218 -4.65 -49.21 4.79
CA GLU A 218 -5.91 -49.62 4.15
C GLU A 218 -7.01 -49.86 5.17
N PRO A 219 -8.31 -49.71 4.80
CA PRO A 219 -9.38 -49.91 5.79
C PRO A 219 -9.53 -51.38 6.17
N LYS A 220 -10.03 -51.63 7.41
CA LYS A 220 -10.22 -52.98 7.98
C LYS A 220 -11.20 -53.89 7.20
N SER A 221 -11.20 -55.19 7.53
CA SER A 221 -12.04 -56.19 6.88
C SER A 221 -13.44 -56.18 7.47
N SER B 3 32.48 -10.77 19.83
CA SER B 3 32.71 -10.07 18.56
C SER B 3 31.46 -9.31 18.14
N TYR B 4 31.39 -8.91 16.85
CA TYR B 4 30.29 -8.17 16.23
C TYR B 4 28.97 -8.89 16.41
N VAL B 5 27.91 -8.14 16.77
CA VAL B 5 26.58 -8.66 17.08
C VAL B 5 25.56 -8.13 16.07
N LEU B 6 24.79 -9.05 15.47
CA LEU B 6 23.68 -8.75 14.58
C LEU B 6 22.42 -9.00 15.43
N THR B 7 21.49 -8.03 15.40
CA THR B 7 20.25 -8.09 16.20
C THR B 7 19.02 -8.15 15.33
N GLN B 8 18.29 -9.28 15.43
CA GLN B 8 17.05 -9.53 14.72
C GLN B 8 15.96 -9.78 15.74
N PRO B 9 14.72 -9.27 15.46
CA PRO B 9 13.60 -9.63 16.35
C PRO B 9 13.29 -11.12 16.13
N PRO B 10 12.88 -11.90 17.15
CA PRO B 10 12.62 -13.33 16.93
C PRO B 10 11.44 -13.62 16.01
N SER B 11 10.44 -12.74 16.00
CA SER B 11 9.25 -12.96 15.18
C SER B 11 8.71 -11.68 14.54
N VAL B 12 8.05 -11.84 13.37
CA VAL B 12 7.30 -10.84 12.61
C VAL B 12 6.05 -11.56 12.08
N SER B 13 4.85 -10.96 12.29
CA SER B 13 3.57 -11.53 11.85
C SER B 13 2.90 -10.53 10.87
N VAL B 14 2.37 -11.01 9.73
CA VAL B 14 1.73 -10.18 8.71
C VAL B 14 0.59 -10.90 8.05
N ALA B 15 -0.48 -10.15 7.70
CA ALA B 15 -1.65 -10.72 7.01
C ALA B 15 -1.30 -11.02 5.56
N PRO B 16 -1.99 -11.92 4.84
CA PRO B 16 -1.67 -12.08 3.43
C PRO B 16 -1.86 -10.76 2.64
N GLY B 17 -1.05 -10.58 1.60
CA GLY B 17 -1.08 -9.36 0.80
C GLY B 17 -0.38 -8.17 1.43
N LYS B 18 -0.09 -8.23 2.76
CA LYS B 18 0.62 -7.18 3.46
C LYS B 18 2.16 -7.25 3.27
N THR B 19 2.87 -6.29 3.88
CA THR B 19 4.32 -6.08 3.76
C THR B 19 4.99 -6.36 5.07
N ALA B 20 5.98 -7.29 5.04
CA ALA B 20 6.76 -7.63 6.22
C ALA B 20 8.08 -6.88 6.16
N ARG B 21 8.52 -6.41 7.31
CA ARG B 21 9.80 -5.76 7.41
C ARG B 21 10.64 -6.47 8.48
N ILE B 22 11.77 -7.06 8.07
CA ILE B 22 12.68 -7.77 8.99
C ILE B 22 13.93 -6.95 9.17
N THR B 23 14.15 -6.48 10.39
CA THR B 23 15.31 -5.65 10.72
C THR B 23 16.50 -6.45 11.21
N CYS B 24 17.71 -5.95 10.87
CA CYS B 24 18.99 -6.50 11.28
C CYS B 24 19.84 -5.32 11.80
N GLY B 25 19.90 -5.19 13.12
CA GLY B 25 20.66 -4.14 13.78
C GLY B 25 22.10 -4.52 14.07
N GLY B 26 23.01 -3.59 13.80
CA GLY B 26 24.43 -3.75 14.04
C GLY B 26 25.13 -2.42 14.12
N ASN B 27 26.18 -2.31 14.95
CA ASN B 27 26.96 -1.08 15.11
C ASN B 27 27.57 -0.68 13.77
N ASN B 28 26.98 0.36 13.14
CA ASN B 28 27.36 0.87 11.82
C ASN B 28 27.31 -0.22 10.73
N ILE B 29 26.20 -0.96 10.69
CA ILE B 29 25.93 -2.02 9.71
C ILE B 29 25.95 -1.52 8.24
N GLY B 30 25.67 -0.22 8.03
CA GLY B 30 25.70 0.43 6.72
C GLY B 30 27.07 0.36 6.05
N SER B 31 28.16 0.27 6.87
CA SER B 31 29.55 0.13 6.43
C SER B 31 29.92 -1.29 5.93
N LYS B 32 29.00 -2.27 6.09
CA LYS B 32 29.17 -3.68 5.71
C LYS B 32 28.18 -4.10 4.62
N SER B 33 28.50 -5.21 3.91
CA SER B 33 27.62 -5.80 2.91
C SER B 33 26.73 -6.81 3.68
N VAL B 34 25.40 -6.65 3.59
CA VAL B 34 24.43 -7.49 4.32
C VAL B 34 23.80 -8.48 3.38
N HIS B 35 23.85 -9.75 3.74
CA HIS B 35 23.26 -10.84 2.95
C HIS B 35 22.13 -11.47 3.78
N TRP B 36 21.03 -11.87 3.11
CA TRP B 36 19.83 -12.44 3.71
C TRP B 36 19.54 -13.86 3.21
N TYR B 37 19.24 -14.76 4.14
CA TYR B 37 18.88 -16.17 3.84
C TYR B 37 17.50 -16.48 4.33
N GLN B 38 16.77 -17.25 3.55
CA GLN B 38 15.45 -17.73 3.91
C GLN B 38 15.56 -19.22 4.19
N GLN B 39 15.07 -19.65 5.36
CA GLN B 39 15.09 -21.06 5.67
C GLN B 39 13.70 -21.56 6.05
N LYS B 40 13.11 -22.37 5.17
CA LYS B 40 11.82 -22.99 5.41
C LYS B 40 12.03 -24.24 6.26
N PRO B 41 11.00 -24.65 7.06
CA PRO B 41 11.18 -25.80 7.96
C PRO B 41 11.68 -27.08 7.31
N GLY B 42 12.74 -27.65 7.89
CA GLY B 42 13.39 -28.89 7.43
C GLY B 42 14.18 -28.76 6.14
N GLN B 43 14.38 -27.53 5.67
CA GLN B 43 15.11 -27.26 4.44
C GLN B 43 16.41 -26.52 4.71
N ALA B 44 17.32 -26.55 3.72
CA ALA B 44 18.56 -25.79 3.79
C ALA B 44 18.25 -24.30 3.57
N PRO B 45 19.11 -23.37 4.10
CA PRO B 45 18.90 -21.94 3.83
C PRO B 45 19.02 -21.60 2.34
N VAL B 46 18.35 -20.54 1.91
CA VAL B 46 18.36 -20.07 0.51
C VAL B 46 18.76 -18.61 0.50
N LEU B 47 19.79 -18.24 -0.29
CA LEU B 47 20.20 -16.84 -0.41
C LEU B 47 19.10 -16.04 -1.13
N VAL B 48 18.53 -15.04 -0.45
CA VAL B 48 17.45 -14.25 -1.04
C VAL B 48 17.88 -12.83 -1.40
N VAL B 49 18.83 -12.28 -0.65
CA VAL B 49 19.35 -10.93 -0.86
C VAL B 49 20.87 -10.96 -0.55
N TYR B 50 21.70 -10.44 -1.47
CA TYR B 50 23.15 -10.34 -1.27
C TYR B 50 23.59 -8.92 -1.53
N ASP B 51 24.67 -8.47 -0.86
CA ASP B 51 25.26 -7.13 -0.98
C ASP B 51 24.19 -6.05 -0.82
N ASP B 52 23.50 -6.12 0.33
CA ASP B 52 22.45 -5.19 0.75
C ASP B 52 21.11 -5.27 0.02
N SER B 53 21.09 -5.13 -1.31
CA SER B 53 19.88 -4.97 -2.10
C SER B 53 19.81 -5.76 -3.38
N ASP B 54 20.91 -6.44 -3.76
CA ASP B 54 20.93 -7.28 -4.97
C ASP B 54 20.19 -8.57 -4.74
N ARG B 55 19.63 -9.15 -5.79
CA ARG B 55 18.76 -10.29 -5.68
C ARG B 55 19.13 -11.47 -6.61
N PRO B 56 19.33 -12.72 -6.08
CA PRO B 56 19.64 -13.87 -6.96
C PRO B 56 18.54 -14.16 -7.98
N SER B 57 18.88 -14.95 -9.02
CA SER B 57 18.03 -15.31 -10.16
C SER B 57 16.56 -15.68 -9.92
N GLY B 58 16.29 -16.73 -9.16
CA GLY B 58 14.93 -17.20 -8.92
C GLY B 58 14.13 -16.50 -7.85
N ILE B 59 14.70 -15.44 -7.23
CA ILE B 59 14.05 -14.72 -6.14
C ILE B 59 13.03 -13.72 -6.67
N PRO B 60 11.75 -13.79 -6.22
CA PRO B 60 10.74 -12.81 -6.66
C PRO B 60 11.13 -11.38 -6.32
N GLU B 61 10.70 -10.41 -7.17
CA GLU B 61 10.97 -8.95 -6.99
C GLU B 61 10.36 -8.41 -5.68
N ARG B 62 9.36 -9.12 -5.13
CA ARG B 62 8.66 -8.78 -3.88
C ARG B 62 9.60 -8.77 -2.67
N PHE B 63 10.78 -9.42 -2.82
CA PHE B 63 11.82 -9.44 -1.80
C PHE B 63 12.78 -8.31 -2.10
N SER B 64 13.02 -7.41 -1.12
CA SER B 64 13.96 -6.30 -1.32
C SER B 64 14.73 -5.97 -0.05
N GLY B 65 15.98 -5.59 -0.23
CA GLY B 65 16.83 -5.24 0.90
C GLY B 65 17.31 -3.81 0.90
N SER B 66 17.65 -3.32 2.08
CA SER B 66 18.18 -1.98 2.28
C SER B 66 19.10 -2.01 3.49
N ASN B 67 20.16 -1.19 3.48
CA ASN B 67 21.14 -1.12 4.55
C ASN B 67 21.72 0.29 4.65
N SER B 68 21.50 0.94 5.82
CA SER B 68 22.03 2.27 6.14
C SER B 68 22.09 2.46 7.63
N GLY B 69 23.15 3.14 8.09
CA GLY B 69 23.37 3.44 9.49
C GLY B 69 23.54 2.22 10.35
N ASN B 70 22.65 2.07 11.35
CA ASN B 70 22.68 0.95 12.30
C ASN B 70 21.65 -0.13 11.99
N THR B 71 20.87 0.03 10.89
CA THR B 71 19.84 -0.94 10.53
C THR B 71 19.81 -1.37 9.06
N ALA B 72 19.85 -2.70 8.83
CA ALA B 72 19.66 -3.34 7.53
C ALA B 72 18.23 -3.91 7.61
N THR B 73 17.48 -3.90 6.49
CA THR B 73 16.08 -4.35 6.49
C THR B 73 15.78 -5.22 5.28
N LEU B 74 15.13 -6.35 5.52
CA LEU B 74 14.62 -7.19 4.45
C LEU B 74 13.14 -6.87 4.42
N THR B 75 12.64 -6.47 3.24
CA THR B 75 11.23 -6.13 3.01
C THR B 75 10.59 -7.13 2.08
N ILE B 76 9.47 -7.74 2.53
CA ILE B 76 8.76 -8.73 1.71
C ILE B 76 7.38 -8.15 1.47
N SER B 77 7.10 -7.77 0.22
CA SER B 77 5.83 -7.18 -0.19
C SER B 77 4.92 -8.30 -0.60
N ARG B 78 3.59 -8.04 -0.50
CA ARG B 78 2.51 -8.95 -0.89
C ARG B 78 2.75 -10.36 -0.34
N VAL B 79 2.99 -10.44 0.99
CA VAL B 79 3.28 -11.68 1.74
C VAL B 79 2.24 -12.78 1.43
N GLU B 80 2.75 -13.94 1.01
CA GLU B 80 2.00 -15.16 0.68
C GLU B 80 2.34 -16.24 1.74
N ALA B 81 1.51 -17.31 1.83
CA ALA B 81 1.76 -18.46 2.72
C ALA B 81 3.15 -19.13 2.39
N GLY B 82 3.61 -19.05 1.14
CA GLY B 82 4.92 -19.58 0.73
C GLY B 82 6.13 -18.85 1.28
N ASP B 83 5.91 -17.72 2.02
CA ASP B 83 6.97 -16.90 2.61
C ASP B 83 7.24 -17.25 4.07
N GLU B 84 6.41 -18.13 4.66
CA GLU B 84 6.61 -18.58 6.03
C GLU B 84 7.99 -19.28 6.08
N ALA B 85 8.86 -18.79 6.95
CA ALA B 85 10.23 -19.27 7.08
C ALA B 85 10.90 -18.49 8.16
N ASP B 86 12.17 -18.87 8.44
CA ASP B 86 13.07 -18.17 9.32
C ASP B 86 14.02 -17.40 8.39
N TYR B 87 14.22 -16.12 8.69
CA TYR B 87 15.05 -15.26 7.86
C TYR B 87 16.29 -14.84 8.61
N TYR B 88 17.47 -15.06 8.02
CA TYR B 88 18.72 -14.72 8.69
C TYR B 88 19.52 -13.68 7.90
N CYS B 89 20.03 -12.66 8.59
CA CYS B 89 20.93 -11.67 8.01
C CYS B 89 22.38 -12.14 8.34
N GLN B 90 23.31 -11.77 7.48
CA GLN B 90 24.71 -12.17 7.64
C GLN B 90 25.65 -11.09 7.12
N VAL B 91 26.78 -10.92 7.84
CA VAL B 91 27.90 -10.04 7.47
C VAL B 91 29.22 -10.80 7.69
N TRP B 92 30.35 -10.14 7.38
CA TRP B 92 31.71 -10.56 7.69
C TRP B 92 32.26 -9.44 8.57
N ASP B 93 32.93 -9.80 9.67
CA ASP B 93 33.56 -8.84 10.58
C ASP B 93 34.77 -9.49 11.23
N SER B 94 35.94 -8.81 11.15
CA SER B 94 37.22 -9.25 11.73
C SER B 94 37.51 -10.73 11.43
N SER B 95 37.50 -11.08 10.12
CA SER B 95 37.75 -12.43 9.59
C SER B 95 36.81 -13.52 10.14
N SER B 96 35.53 -13.14 10.37
CA SER B 96 34.50 -14.04 10.89
C SER B 96 33.16 -13.78 10.24
N VAL B 97 32.40 -14.85 9.99
CA VAL B 97 31.03 -14.75 9.48
C VAL B 97 30.16 -14.55 10.71
N VAL B 98 29.28 -13.52 10.67
CA VAL B 98 28.38 -13.23 11.78
C VAL B 98 26.95 -13.34 11.25
N PHE B 99 26.14 -14.16 11.92
CA PHE B 99 24.74 -14.31 11.56
C PHE B 99 23.86 -13.68 12.66
N GLY B 100 22.68 -13.18 12.23
CA GLY B 100 21.67 -12.72 13.16
C GLY B 100 20.99 -13.94 13.72
N GLY B 101 20.29 -13.79 14.84
CA GLY B 101 19.62 -14.92 15.50
C GLY B 101 18.42 -15.52 14.76
N GLY B 102 17.99 -14.85 13.69
CA GLY B 102 16.87 -15.29 12.86
C GLY B 102 15.54 -14.69 13.28
N THR B 103 14.67 -14.51 12.30
CA THR B 103 13.32 -13.97 12.48
C THR B 103 12.38 -14.91 11.81
N LYS B 104 11.44 -15.47 12.57
CA LYS B 104 10.37 -16.31 12.06
C LYS B 104 9.23 -15.45 11.52
N LEU B 105 8.90 -15.64 10.23
CA LEU B 105 7.78 -14.97 9.63
C LEU B 105 6.51 -15.84 9.76
N THR B 106 5.55 -15.32 10.53
CA THR B 106 4.21 -15.90 10.70
C THR B 106 3.18 -15.12 9.83
N VAL B 107 2.36 -15.86 9.09
CA VAL B 107 1.28 -15.31 8.27
C VAL B 107 -0.03 -15.35 9.08
N LEU B 108 -0.63 -14.15 9.31
CA LEU B 108 -1.88 -13.90 10.04
C LEU B 108 -3.07 -14.18 9.13
N ARG B 109 -3.69 -15.35 9.29
CA ARG B 109 -4.86 -15.77 8.53
C ARG B 109 -6.14 -15.81 9.43
N THR B 110 -7.31 -16.15 8.84
CA THR B 110 -8.58 -16.14 9.59
C THR B 110 -8.69 -17.41 10.44
N VAL B 111 -9.61 -17.42 11.44
CA VAL B 111 -10.00 -18.58 12.20
C VAL B 111 -10.42 -19.65 11.21
N ALA B 112 -10.00 -20.94 11.40
CA ALA B 112 -10.34 -22.08 10.57
C ALA B 112 -10.51 -23.21 11.53
N ALA B 113 -11.68 -23.86 11.53
CA ALA B 113 -11.98 -24.99 12.43
C ALA B 113 -11.22 -26.23 11.98
N PRO B 114 -10.79 -27.11 12.92
CA PRO B 114 -10.11 -28.34 12.48
C PRO B 114 -11.07 -29.42 12.03
N SER B 115 -10.61 -30.26 11.10
CA SER B 115 -11.28 -31.49 10.75
C SER B 115 -10.67 -32.51 11.76
N VAL B 116 -11.51 -33.25 12.51
CA VAL B 116 -11.07 -34.19 13.55
C VAL B 116 -11.23 -35.65 13.14
N PHE B 117 -10.17 -36.46 13.37
CA PHE B 117 -10.16 -37.88 13.05
C PHE B 117 -9.52 -38.66 14.21
N ILE B 118 -10.08 -39.83 14.55
CA ILE B 118 -9.56 -40.73 15.58
C ILE B 118 -9.08 -42.05 14.94
N PHE B 119 -7.95 -42.58 15.40
CA PHE B 119 -7.41 -43.82 14.87
C PHE B 119 -7.20 -44.80 16.00
N PRO B 120 -7.78 -46.00 15.87
CA PRO B 120 -7.52 -47.03 16.88
C PRO B 120 -6.12 -47.62 16.73
N PRO B 121 -5.57 -48.31 17.76
CA PRO B 121 -4.28 -48.99 17.60
C PRO B 121 -4.40 -50.07 16.53
N SER B 122 -3.34 -50.30 15.74
CA SER B 122 -3.33 -51.37 14.73
C SER B 122 -3.20 -52.75 15.47
N ASP B 123 -3.67 -53.82 14.83
CA ASP B 123 -3.57 -55.19 15.37
C ASP B 123 -2.12 -55.63 15.54
N GLU B 124 -1.28 -55.24 14.56
CA GLU B 124 0.15 -55.49 14.53
C GLU B 124 0.84 -54.92 15.77
N GLN B 125 0.50 -53.67 16.16
CA GLN B 125 1.08 -53.01 17.35
C GLN B 125 0.61 -53.67 18.64
N LEU B 126 -0.67 -54.08 18.69
CA LEU B 126 -1.25 -54.72 19.87
C LEU B 126 -0.48 -55.98 20.27
N LYS B 127 0.02 -56.75 19.27
CA LYS B 127 0.86 -57.94 19.44
C LYS B 127 2.09 -57.66 20.31
N SER B 128 2.63 -56.42 20.24
CA SER B 128 3.82 -55.95 20.96
C SER B 128 3.58 -55.55 22.42
N GLY B 129 2.32 -55.54 22.86
CA GLY B 129 1.93 -55.23 24.23
C GLY B 129 1.68 -53.77 24.56
N THR B 130 1.63 -52.91 23.53
CA THR B 130 1.38 -51.47 23.69
C THR B 130 0.30 -51.01 22.72
N ALA B 131 -0.45 -49.98 23.13
CA ALA B 131 -1.52 -49.42 22.30
C ALA B 131 -1.34 -47.92 22.17
N SER B 132 -1.27 -47.44 20.91
CA SER B 132 -1.21 -46.01 20.62
C SER B 132 -2.53 -45.63 19.98
N VAL B 133 -3.24 -44.68 20.58
CA VAL B 133 -4.51 -44.18 20.02
C VAL B 133 -4.20 -42.78 19.50
N VAL B 134 -4.51 -42.50 18.21
CA VAL B 134 -4.15 -41.20 17.62
C VAL B 134 -5.37 -40.35 17.30
N CYS B 135 -5.34 -39.08 17.72
CA CYS B 135 -6.36 -38.09 17.41
C CYS B 135 -5.71 -37.03 16.49
N LEU B 136 -6.28 -36.82 15.30
CA LEU B 136 -5.78 -35.87 14.33
C LEU B 136 -6.67 -34.62 14.20
N LEU B 137 -6.07 -33.41 14.35
CA LEU B 137 -6.71 -32.10 14.14
C LEU B 137 -6.06 -31.56 12.89
N ASN B 138 -6.80 -31.62 11.75
CA ASN B 138 -6.28 -31.24 10.46
C ASN B 138 -6.72 -29.86 10.02
N ASN B 139 -5.72 -29.02 9.65
CA ASN B 139 -5.89 -27.70 9.05
C ASN B 139 -6.76 -26.71 9.80
N PHE B 140 -6.27 -26.25 10.96
CA PHE B 140 -6.94 -25.28 11.81
C PHE B 140 -6.10 -24.05 12.09
N TYR B 141 -6.76 -23.02 12.62
CA TYR B 141 -6.10 -21.78 12.97
C TYR B 141 -7.00 -21.03 13.99
N PRO B 142 -6.46 -20.45 15.06
CA PRO B 142 -5.04 -20.36 15.44
C PRO B 142 -4.52 -21.69 16.01
N ARG B 143 -3.19 -21.74 16.27
CA ARG B 143 -2.44 -22.92 16.75
C ARG B 143 -2.98 -23.51 18.06
N GLU B 144 -3.51 -22.65 18.93
CA GLU B 144 -4.06 -23.09 20.21
C GLU B 144 -5.34 -23.93 20.04
N ALA B 145 -5.31 -25.16 20.60
CA ALA B 145 -6.37 -26.14 20.57
C ALA B 145 -6.28 -27.02 21.83
N LYS B 146 -7.43 -27.32 22.45
CA LYS B 146 -7.46 -28.19 23.62
C LYS B 146 -7.96 -29.56 23.19
N VAL B 147 -7.12 -30.59 23.40
CA VAL B 147 -7.47 -31.98 23.09
C VAL B 147 -7.62 -32.73 24.41
N GLN B 148 -8.81 -33.36 24.62
CA GLN B 148 -9.09 -34.15 25.82
C GLN B 148 -9.40 -35.56 25.46
N TRP B 149 -8.65 -36.49 26.07
CA TRP B 149 -8.86 -37.92 25.85
C TRP B 149 -9.81 -38.48 26.92
N LYS B 150 -10.78 -39.29 26.50
CA LYS B 150 -11.76 -39.93 27.38
C LYS B 150 -11.81 -41.42 27.11
N VAL B 151 -11.64 -42.21 28.16
CA VAL B 151 -11.66 -43.68 28.08
C VAL B 151 -12.82 -44.15 28.99
N ASP B 152 -13.88 -44.72 28.39
CA ASP B 152 -15.11 -45.15 29.09
C ASP B 152 -15.70 -43.97 29.90
N ASN B 153 -15.68 -42.75 29.28
CA ASN B 153 -16.07 -41.46 29.84
C ASN B 153 -15.13 -40.87 30.89
N ALA B 154 -14.07 -41.60 31.27
CA ALA B 154 -13.08 -41.12 32.22
C ALA B 154 -12.03 -40.26 31.52
N LEU B 155 -11.90 -39.00 31.96
CA LEU B 155 -10.93 -38.05 31.43
C LEU B 155 -9.49 -38.50 31.72
N GLN B 156 -8.64 -38.52 30.68
CA GLN B 156 -7.25 -38.96 30.77
C GLN B 156 -6.29 -37.83 31.11
N SER B 157 -5.19 -38.16 31.80
CA SER B 157 -4.15 -37.20 32.16
C SER B 157 -2.81 -37.92 32.31
N GLY B 158 -1.75 -37.23 31.86
CA GLY B 158 -0.37 -37.71 31.90
C GLY B 158 -0.02 -38.89 31.00
N ASN B 159 -0.91 -39.29 30.09
CA ASN B 159 -0.64 -40.44 29.22
C ASN B 159 -0.82 -40.15 27.70
N SER B 160 -0.71 -38.88 27.33
CA SER B 160 -0.83 -38.44 25.94
C SER B 160 0.25 -37.42 25.61
N GLN B 161 0.69 -37.42 24.35
CA GLN B 161 1.65 -36.40 23.88
C GLN B 161 1.15 -35.80 22.59
N GLU B 162 1.41 -34.50 22.43
CA GLU B 162 1.00 -33.77 21.22
C GLU B 162 2.19 -33.34 20.40
N SER B 163 1.99 -33.26 19.10
CA SER B 163 2.93 -32.72 18.11
C SER B 163 2.13 -31.78 17.18
N VAL B 164 2.70 -30.63 16.82
CA VAL B 164 2.08 -29.63 15.95
C VAL B 164 3.02 -29.33 14.79
N THR B 165 2.48 -29.31 13.56
CA THR B 165 3.24 -28.94 12.35
C THR B 165 3.52 -27.43 12.34
N GLU B 166 4.44 -27.02 11.47
CA GLU B 166 4.73 -25.62 11.23
C GLU B 166 3.61 -25.11 10.34
N GLN B 167 3.45 -23.78 10.21
CA GLN B 167 2.40 -23.21 9.31
C GLN B 167 2.45 -23.80 7.91
N ASP B 168 1.29 -24.23 7.39
CA ASP B 168 1.17 -24.80 6.06
C ASP B 168 1.60 -23.75 4.97
N SER B 169 2.46 -24.19 4.03
CA SER B 169 3.05 -23.39 2.96
C SER B 169 2.01 -22.87 1.95
N LYS B 170 0.79 -23.44 1.96
CA LYS B 170 -0.27 -23.07 1.04
C LYS B 170 -1.44 -22.37 1.71
N ASP B 171 -1.86 -22.84 2.90
CA ASP B 171 -3.01 -22.20 3.57
C ASP B 171 -2.78 -21.51 4.90
N SER B 172 -1.53 -21.51 5.42
CA SER B 172 -1.22 -20.86 6.72
C SER B 172 -1.89 -21.55 7.96
N THR B 173 -2.38 -22.78 7.82
CA THR B 173 -3.00 -23.42 9.01
C THR B 173 -1.91 -24.28 9.74
N TYR B 174 -2.33 -24.90 10.84
CA TYR B 174 -1.53 -25.87 11.59
C TYR B 174 -2.30 -27.17 11.63
N SER B 175 -1.59 -28.21 11.98
CA SER B 175 -2.18 -29.52 12.19
C SER B 175 -1.62 -30.10 13.46
N LEU B 176 -2.43 -30.82 14.20
CA LEU B 176 -1.96 -31.37 15.45
C LEU B 176 -2.26 -32.84 15.57
N SER B 177 -1.34 -33.59 16.19
CA SER B 177 -1.58 -35.00 16.45
C SER B 177 -1.48 -35.19 17.97
N SER B 178 -2.45 -35.90 18.54
CA SER B 178 -2.39 -36.24 19.95
C SER B 178 -2.38 -37.73 20.00
N THR B 179 -1.40 -38.30 20.74
CA THR B 179 -1.28 -39.75 20.85
C THR B 179 -1.45 -40.16 22.31
N LEU B 180 -2.42 -41.03 22.54
CA LEU B 180 -2.70 -41.63 23.83
C LEU B 180 -1.99 -42.98 23.86
N THR B 181 -1.08 -43.14 24.83
CA THR B 181 -0.31 -44.40 24.97
C THR B 181 -0.76 -45.19 26.23
N LEU B 182 -1.26 -46.40 25.99
CA LEU B 182 -1.71 -47.33 27.04
C LEU B 182 -1.09 -48.71 26.79
N SER B 183 -1.04 -49.55 27.86
CA SER B 183 -0.60 -50.95 27.75
C SER B 183 -1.70 -51.73 27.00
N LYS B 184 -1.38 -52.90 26.44
CA LYS B 184 -2.41 -53.73 25.78
C LYS B 184 -3.49 -54.10 26.84
N ALA B 185 -3.04 -54.36 28.10
CA ALA B 185 -3.87 -54.69 29.26
C ALA B 185 -4.93 -53.62 29.50
N ASP B 186 -4.50 -52.35 29.75
CA ASP B 186 -5.42 -51.23 29.98
C ASP B 186 -6.33 -50.98 28.77
N TYR B 187 -5.76 -51.02 27.54
CA TYR B 187 -6.56 -50.81 26.33
C TYR B 187 -7.69 -51.82 26.19
N GLU B 188 -7.40 -53.11 26.45
CA GLU B 188 -8.38 -54.20 26.37
C GLU B 188 -9.39 -54.23 27.50
N LYS B 189 -9.15 -53.47 28.57
CA LYS B 189 -10.03 -53.36 29.75
C LYS B 189 -11.19 -52.37 29.52
N HIS B 190 -11.13 -51.56 28.44
CA HIS B 190 -12.14 -50.54 28.13
C HIS B 190 -12.65 -50.61 26.70
N LYS B 191 -13.84 -50.05 26.41
CA LYS B 191 -14.44 -50.12 25.08
C LYS B 191 -14.51 -48.77 24.34
N VAL B 192 -14.92 -47.69 25.03
CA VAL B 192 -15.15 -46.38 24.42
C VAL B 192 -13.93 -45.48 24.44
N TYR B 193 -13.41 -45.16 23.25
CA TYR B 193 -12.24 -44.28 23.12
C TYR B 193 -12.62 -43.01 22.40
N ALA B 194 -12.44 -41.87 23.06
CA ALA B 194 -12.86 -40.59 22.50
C ALA B 194 -11.89 -39.48 22.70
N CYS B 195 -11.75 -38.60 21.68
CA CYS B 195 -10.98 -37.39 21.86
C CYS B 195 -11.88 -36.23 21.57
N GLU B 196 -11.92 -35.29 22.53
CA GLU B 196 -12.76 -34.12 22.50
C GLU B 196 -11.90 -32.93 22.22
N VAL B 197 -12.30 -32.15 21.22
CA VAL B 197 -11.54 -31.00 20.73
C VAL B 197 -12.24 -29.66 20.97
N THR B 198 -11.58 -28.79 21.74
CA THR B 198 -12.03 -27.42 21.98
C THR B 198 -11.10 -26.49 21.18
N HIS B 199 -11.70 -25.62 20.33
CA HIS B 199 -11.00 -24.66 19.47
C HIS B 199 -11.92 -23.47 19.12
N GLN B 200 -11.38 -22.24 19.05
CA GLN B 200 -12.12 -21.00 18.70
C GLN B 200 -12.86 -20.99 17.34
N GLY B 201 -12.60 -21.96 16.47
CA GLY B 201 -13.25 -22.06 15.18
C GLY B 201 -14.44 -23.00 15.17
N LEU B 202 -14.80 -23.53 16.37
CA LEU B 202 -15.92 -24.45 16.63
C LEU B 202 -16.92 -23.80 17.59
N SER B 203 -18.22 -23.84 17.24
CA SER B 203 -19.30 -23.30 18.11
C SER B 203 -19.30 -24.02 19.47
N SER B 204 -19.13 -25.34 19.44
CA SER B 204 -19.06 -26.21 20.61
C SER B 204 -17.96 -27.29 20.41
N PRO B 205 -17.37 -27.90 21.50
CA PRO B 205 -16.34 -28.94 21.30
C PRO B 205 -16.78 -30.13 20.44
N VAL B 206 -15.89 -30.60 19.57
CA VAL B 206 -16.12 -31.74 18.65
C VAL B 206 -15.49 -33.00 19.24
N THR B 207 -16.26 -34.11 19.28
CA THR B 207 -15.78 -35.38 19.79
C THR B 207 -15.77 -36.40 18.67
N LYS B 208 -14.68 -37.16 18.58
CA LYS B 208 -14.57 -38.26 17.64
C LYS B 208 -14.27 -39.47 18.51
N SER B 209 -15.04 -40.54 18.31
CA SER B 209 -14.91 -41.73 19.13
C SER B 209 -15.03 -43.03 18.33
N PHE B 210 -14.61 -44.13 18.98
CA PHE B 210 -14.75 -45.48 18.45
C PHE B 210 -14.94 -46.45 19.62
N ASN B 211 -15.59 -47.56 19.36
CA ASN B 211 -15.73 -48.61 20.37
C ASN B 211 -14.78 -49.71 19.98
N ARG B 212 -13.89 -50.09 20.91
CA ARG B 212 -12.92 -51.17 20.73
C ARG B 212 -13.73 -52.41 20.32
N GLY B 213 -13.51 -52.91 19.10
CA GLY B 213 -14.22 -54.10 18.62
C GLY B 213 -15.02 -54.02 17.34
N GLU B 214 -15.54 -52.81 16.99
CA GLU B 214 -16.34 -52.56 15.77
C GLU B 214 -15.53 -52.48 14.47
N CYS B 215 -16.23 -52.43 13.31
CA CYS B 215 -15.65 -52.38 11.97
C CYS B 215 -16.64 -51.76 10.97
N VAL C 2 3.27 56.67 -5.84
CA VAL C 2 2.96 55.90 -4.64
C VAL C 2 3.05 54.38 -4.93
N GLN C 3 3.62 53.60 -3.99
CA GLN C 3 3.73 52.16 -4.12
C GLN C 3 3.21 51.45 -2.87
N LEU C 4 2.30 50.48 -3.08
CA LEU C 4 1.75 49.69 -2.00
C LEU C 4 2.75 48.58 -1.66
N VAL C 5 3.29 48.64 -0.42
CA VAL C 5 4.29 47.68 0.06
C VAL C 5 3.74 46.83 1.21
N GLN C 6 3.70 45.51 1.00
CA GLN C 6 3.18 44.56 1.98
C GLN C 6 4.27 43.79 2.71
N SER C 7 3.90 43.20 3.87
CA SER C 7 4.76 42.34 4.69
C SER C 7 5.05 41.01 3.96
N GLY C 8 6.07 40.29 4.41
CA GLY C 8 6.51 39.04 3.79
C GLY C 8 5.69 37.80 4.07
N ALA C 9 5.87 36.79 3.19
CA ALA C 9 5.24 35.48 3.23
C ALA C 9 5.47 34.80 4.57
N GLU C 10 4.43 34.13 5.10
CA GLU C 10 4.48 33.44 6.40
C GLU C 10 3.89 32.05 6.36
N VAL C 11 4.41 31.15 7.20
CA VAL C 11 3.81 29.81 7.40
C VAL C 11 3.11 29.88 8.77
N LYS C 12 1.82 29.55 8.81
CA LYS C 12 0.99 29.70 10.01
C LYS C 12 0.22 28.42 10.37
N LYS C 13 0.29 27.97 11.65
CA LYS C 13 -0.41 26.75 12.11
C LYS C 13 -1.94 26.89 11.98
N PRO C 14 -2.71 25.81 11.73
CA PRO C 14 -4.17 25.97 11.64
C PRO C 14 -4.77 26.36 12.99
N GLY C 15 -5.90 27.08 12.94
CA GLY C 15 -6.56 27.59 14.13
C GLY C 15 -5.98 28.93 14.55
N SER C 16 -4.71 29.21 14.16
CA SER C 16 -4.02 30.48 14.46
C SER C 16 -4.55 31.72 13.69
N SER C 17 -3.84 32.84 13.83
CA SER C 17 -4.21 34.14 13.31
C SER C 17 -3.08 34.76 12.50
N VAL C 18 -3.43 35.53 11.44
CA VAL C 18 -2.45 36.23 10.60
C VAL C 18 -2.80 37.72 10.45
N LYS C 19 -1.80 38.60 10.55
CA LYS C 19 -2.02 40.03 10.40
C LYS C 19 -1.11 40.52 9.28
N VAL C 20 -1.71 40.95 8.17
CA VAL C 20 -0.92 41.39 7.01
C VAL C 20 -0.97 42.92 6.90
N SER C 21 0.22 43.55 6.76
CA SER C 21 0.35 45.01 6.65
C SER C 21 0.50 45.48 5.20
N CYS C 22 0.02 46.71 4.92
CA CYS C 22 0.04 47.39 3.64
C CYS C 22 0.43 48.87 3.82
N GLU C 23 1.64 49.25 3.38
CA GLU C 23 2.13 50.63 3.51
C GLU C 23 2.10 51.40 2.19
N TYR C 32 -7.53 57.38 0.97
CA TYR C 32 -8.40 56.75 -0.02
C TYR C 32 -9.05 55.46 0.54
N VAL C 33 -9.72 54.67 -0.33
CA VAL C 33 -10.33 53.36 0.04
C VAL C 33 -9.24 52.28 -0.01
N ILE C 34 -9.12 51.46 1.05
CA ILE C 34 -8.14 50.35 1.09
C ILE C 34 -8.90 49.03 1.11
N THR C 35 -8.58 48.14 0.16
CA THR C 35 -9.22 46.84 -0.07
C THR C 35 -8.27 45.67 0.18
N TRP C 36 -8.83 44.53 0.55
CA TRP C 36 -8.11 43.29 0.73
C TRP C 36 -8.76 42.25 -0.14
N VAL C 37 -7.92 41.65 -1.01
CA VAL C 37 -8.33 40.65 -2.02
C VAL C 37 -7.41 39.46 -1.87
N ARG C 38 -7.97 38.27 -1.83
CA ARG C 38 -7.12 37.09 -1.75
C ARG C 38 -7.21 36.27 -3.04
N GLN C 39 -6.19 35.43 -3.28
CA GLN C 39 -6.10 34.53 -4.46
C GLN C 39 -5.44 33.22 -4.06
N ALA C 40 -6.22 32.15 -4.02
CA ALA C 40 -5.71 30.82 -3.74
C ALA C 40 -4.88 30.38 -4.99
N PRO C 41 -3.81 29.56 -4.88
CA PRO C 41 -3.02 29.24 -6.08
C PRO C 41 -3.83 28.57 -7.22
N GLY C 42 -3.71 29.16 -8.40
CA GLY C 42 -4.42 28.71 -9.59
C GLY C 42 -5.87 29.19 -9.69
N GLN C 43 -6.35 29.98 -8.68
CA GLN C 43 -7.75 30.42 -8.65
C GLN C 43 -7.86 31.90 -8.92
N GLY C 44 -9.08 32.42 -8.83
CA GLY C 44 -9.40 33.80 -9.07
C GLY C 44 -9.22 34.73 -7.88
N LEU C 45 -9.49 36.00 -8.13
CA LEU C 45 -9.45 37.09 -7.16
C LEU C 45 -10.75 37.07 -6.32
N GLU C 46 -10.60 37.12 -4.99
CA GLU C 46 -11.72 37.06 -4.06
C GLU C 46 -11.62 38.25 -3.11
N TRP C 47 -12.63 39.13 -3.14
CA TRP C 47 -12.72 40.29 -2.25
C TRP C 47 -12.96 39.82 -0.83
N MET C 48 -12.25 40.42 0.10
CA MET C 48 -12.36 40.08 1.53
C MET C 48 -13.03 41.23 2.31
N GLY C 49 -12.82 42.45 1.85
CA GLY C 49 -13.38 43.63 2.47
C GLY C 49 -12.64 44.90 2.13
N GLY C 50 -13.17 46.00 2.62
CA GLY C 50 -12.59 47.31 2.40
C GLY C 50 -12.66 48.20 3.62
N PHE C 51 -11.86 49.25 3.60
CA PHE C 51 -11.82 50.19 4.70
C PHE C 51 -11.62 51.58 4.19
N ILE C 52 -12.32 52.54 4.83
CA ILE C 52 -12.18 53.97 4.55
C ILE C 52 -11.71 54.61 5.88
N PRO C 53 -10.37 54.80 6.05
CA PRO C 53 -9.85 55.33 7.32
C PRO C 53 -10.49 56.61 7.86
N THR C 54 -10.78 57.57 6.95
CA THR C 54 -11.38 58.88 7.21
C THR C 54 -12.76 58.74 7.87
N PHE C 55 -13.60 57.84 7.35
CA PHE C 55 -14.95 57.62 7.85
C PHE C 55 -14.99 56.43 8.82
N ARG C 56 -13.79 55.93 9.22
CA ARG C 56 -13.52 54.78 10.09
C ARG C 56 -14.50 53.63 9.83
N THR C 57 -14.91 53.51 8.56
CA THR C 57 -15.90 52.55 8.09
C THR C 57 -15.31 51.38 7.33
N ALA C 58 -15.75 50.17 7.68
CA ALA C 58 -15.30 48.96 7.04
C ALA C 58 -16.50 48.21 6.46
N MET C 59 -16.28 47.52 5.33
CA MET C 59 -17.30 46.72 4.66
C MET C 59 -16.69 45.35 4.42
N TYR C 60 -17.37 44.31 4.90
CA TYR C 60 -16.84 42.97 4.81
C TYR C 60 -17.56 42.04 3.82
N ALA C 61 -16.79 41.10 3.24
CA ALA C 61 -17.31 40.12 2.31
C ALA C 61 -18.00 39.00 3.06
N GLN C 62 -19.07 38.46 2.47
CA GLN C 62 -19.76 37.31 3.01
C GLN C 62 -18.92 36.09 2.59
N GLY C 63 -18.84 35.10 3.46
CA GLY C 63 -18.09 33.88 3.19
C GLY C 63 -16.76 33.75 3.91
N PHE C 64 -16.59 34.56 4.97
CA PHE C 64 -15.39 34.54 5.81
C PHE C 64 -15.73 34.25 7.26
N GLN C 65 -17.04 34.01 7.56
CA GLN C 65 -17.59 33.70 8.89
C GLN C 65 -17.22 34.79 9.95
N GLY C 66 -17.04 36.03 9.48
CA GLY C 66 -16.65 37.18 10.29
C GLY C 66 -15.28 37.07 10.93
N ARG C 67 -14.34 36.40 10.24
CA ARG C 67 -12.97 36.16 10.71
C ARG C 67 -12.02 37.25 10.25
N VAL C 68 -12.48 38.16 9.41
CA VAL C 68 -11.65 39.22 8.85
C VAL C 68 -11.87 40.58 9.54
N THR C 69 -10.75 41.26 9.85
CA THR C 69 -10.75 42.58 10.45
C THR C 69 -9.75 43.46 9.72
N ILE C 70 -10.22 44.61 9.21
CA ILE C 70 -9.38 45.57 8.53
C ILE C 70 -9.21 46.81 9.43
N THR C 71 -7.94 47.20 9.69
CA THR C 71 -7.57 48.36 10.51
C THR C 71 -6.48 49.20 9.82
N ALA C 79 -2.10 50.03 6.39
CA ALA C 79 -3.33 49.24 6.38
C ALA C 79 -3.07 47.83 6.87
N TYR C 80 -3.92 47.31 7.78
CA TYR C 80 -3.76 45.94 8.27
C TYR C 80 -4.98 45.07 7.99
N MET C 81 -4.74 43.78 7.73
CA MET C 81 -5.80 42.80 7.56
C MET C 81 -5.51 41.65 8.52
N GLU C 82 -6.46 41.35 9.43
CA GLU C 82 -6.30 40.24 10.36
C GLU C 82 -7.29 39.14 10.03
N LEU C 83 -6.78 37.91 9.80
CA LEU C 83 -7.62 36.75 9.52
C LEU C 83 -7.40 35.70 10.61
N THR C 84 -8.48 35.35 11.33
CA THR C 84 -8.44 34.45 12.49
C THR C 84 -8.90 33.06 12.15
N ASN C 85 -8.60 32.08 13.04
CA ASN C 85 -8.97 30.66 12.95
C ASN C 85 -8.66 30.07 11.57
N LEU C 86 -7.37 30.15 11.19
CA LEU C 86 -6.85 29.73 9.89
C LEU C 86 -7.03 28.25 9.55
N ARG C 87 -7.59 27.96 8.38
CA ARG C 87 -7.76 26.59 7.86
C ARG C 87 -6.94 26.50 6.57
N SER C 88 -6.62 25.28 6.11
CA SER C 88 -5.83 25.08 4.88
C SER C 88 -6.43 25.78 3.66
N GLU C 89 -7.77 25.98 3.62
CA GLU C 89 -8.51 26.68 2.56
C GLU C 89 -8.14 28.17 2.47
N ASP C 90 -7.47 28.70 3.51
CA ASP C 90 -7.04 30.11 3.60
C ASP C 90 -5.64 30.29 3.01
N THR C 91 -4.98 29.18 2.56
CA THR C 91 -3.65 29.28 1.91
C THR C 91 -3.93 30.06 0.62
N ALA C 92 -3.33 31.25 0.51
CA ALA C 92 -3.57 32.19 -0.57
C ALA C 92 -2.56 33.29 -0.56
N VAL C 93 -2.54 34.07 -1.64
CA VAL C 93 -1.75 35.28 -1.74
C VAL C 93 -2.74 36.36 -1.35
N TYR C 94 -2.40 37.13 -0.33
CA TYR C 94 -3.27 38.22 0.14
C TYR C 94 -2.79 39.55 -0.41
N TYR C 95 -3.64 40.22 -1.19
CA TYR C 95 -3.32 41.52 -1.80
C TYR C 95 -4.05 42.67 -1.11
N CYS C 96 -3.35 43.78 -0.93
CA CYS C 96 -4.00 45.02 -0.54
C CYS C 96 -4.07 45.83 -1.84
N ALA C 97 -5.15 46.59 -2.01
CA ALA C 97 -5.35 47.45 -3.18
C ALA C 97 -5.95 48.77 -2.73
N ARG C 98 -5.53 49.88 -3.35
CA ARG C 98 -6.04 51.21 -3.05
C ARG C 98 -6.79 51.78 -4.26
N GLY C 99 -7.93 52.39 -3.98
CA GLY C 99 -8.76 53.03 -4.99
C GLY C 99 -9.24 54.38 -4.52
N PRO C 100 -9.58 55.32 -5.42
CA PRO C 100 -10.09 56.63 -4.96
C PRO C 100 -11.52 56.53 -4.39
N LEU C 101 -11.85 57.37 -3.38
CA LEU C 101 -13.16 57.40 -2.72
C LEU C 101 -14.34 57.50 -3.70
N SER C 102 -15.37 56.66 -3.46
CA SER C 102 -16.63 56.53 -4.23
C SER C 102 -16.48 56.11 -5.70
N ARG C 103 -15.26 55.74 -6.16
CA ARG C 103 -14.99 55.35 -7.55
C ARG C 103 -15.28 53.88 -7.88
N GLY C 104 -15.04 52.99 -6.91
CA GLY C 104 -15.32 51.56 -7.00
C GLY C 104 -14.25 50.64 -7.58
N TYR C 105 -13.19 51.24 -8.16
CA TYR C 105 -12.08 50.50 -8.78
C TYR C 105 -10.80 50.70 -7.98
N TYR C 106 -9.79 49.84 -8.23
CA TYR C 106 -8.51 49.86 -7.50
C TYR C 106 -7.35 49.97 -8.46
N ASP C 107 -6.78 51.18 -8.53
CA ASP C 107 -5.70 51.52 -9.44
C ASP C 107 -4.30 51.22 -8.92
N TYR C 108 -4.17 50.97 -7.61
CA TYR C 108 -2.89 50.61 -7.00
C TYR C 108 -3.04 49.32 -6.22
N TRP C 109 -2.12 48.40 -6.44
CA TRP C 109 -2.10 47.10 -5.80
C TRP C 109 -0.74 46.84 -5.19
N GLY C 110 -0.74 46.17 -4.04
CA GLY C 110 0.49 45.75 -3.38
C GLY C 110 1.04 44.53 -4.09
N GLN C 111 2.27 44.12 -3.77
CA GLN C 111 2.84 42.95 -4.45
C GLN C 111 2.33 41.59 -3.93
N GLY C 112 1.51 41.60 -2.88
CA GLY C 112 0.91 40.39 -2.30
C GLY C 112 1.72 39.70 -1.23
N THR C 113 1.06 38.91 -0.38
CA THR C 113 1.71 38.13 0.69
C THR C 113 1.19 36.71 0.63
N LEU C 114 2.08 35.74 0.38
CA LEU C 114 1.62 34.37 0.39
C LEU C 114 1.53 33.83 1.83
N VAL C 115 0.34 33.38 2.22
CA VAL C 115 0.17 32.87 3.57
C VAL C 115 -0.08 31.40 3.45
N THR C 116 0.80 30.62 4.05
CA THR C 116 0.67 29.18 4.01
C THR C 116 0.15 28.73 5.36
N VAL C 117 -1.00 28.05 5.36
CA VAL C 117 -1.64 27.57 6.58
C VAL C 117 -1.29 26.12 6.69
N SER C 118 -0.31 25.79 7.56
CA SER C 118 0.15 24.39 7.69
C SER C 118 0.49 23.91 9.09
N SER C 119 0.17 22.63 9.37
CA SER C 119 0.52 21.96 10.62
C SER C 119 1.97 21.45 10.52
N ALA C 120 2.49 21.34 9.27
CA ALA C 120 3.82 20.79 9.04
C ALA C 120 4.93 21.79 9.32
N SER C 121 6.11 21.26 9.66
CA SER C 121 7.32 22.05 9.88
C SER C 121 7.97 22.41 8.54
N THR C 122 8.60 23.59 8.50
CA THR C 122 9.35 24.12 7.36
C THR C 122 10.60 23.26 7.07
N LYS C 123 10.87 23.05 5.79
CA LYS C 123 12.05 22.32 5.35
C LYS C 123 12.71 23.11 4.20
N GLY C 124 14.01 23.37 4.34
CA GLY C 124 14.81 24.06 3.33
C GLY C 124 15.18 23.11 2.21
N PRO C 125 15.42 23.60 0.96
CA PRO C 125 15.76 22.65 -0.12
C PRO C 125 17.22 22.22 -0.12
N SER C 126 17.47 21.15 -0.88
CA SER C 126 18.78 20.64 -1.21
C SER C 126 18.87 21.08 -2.71
N VAL C 127 19.97 21.71 -3.09
CA VAL C 127 20.19 22.17 -4.47
C VAL C 127 21.27 21.32 -5.13
N PHE C 128 20.92 20.68 -6.28
CA PHE C 128 21.88 19.85 -7.02
C PHE C 128 22.09 20.42 -8.42
N PRO C 129 23.31 20.31 -9.01
CA PRO C 129 23.49 20.82 -10.38
C PRO C 129 22.90 19.92 -11.46
N LEU C 130 22.47 20.52 -12.57
CA LEU C 130 22.07 19.84 -13.80
C LEU C 130 23.22 20.22 -14.75
N ALA C 131 24.29 19.40 -14.75
CA ALA C 131 25.51 19.62 -15.51
C ALA C 131 25.28 19.54 -17.04
N PRO C 132 25.88 20.44 -17.85
CA PRO C 132 25.71 20.33 -19.32
C PRO C 132 26.45 19.09 -19.79
N SER C 133 25.82 18.37 -20.74
CA SER C 133 26.32 17.14 -21.33
C SER C 133 27.71 17.35 -21.98
N SER C 134 28.62 16.38 -21.77
CA SER C 134 29.96 16.36 -22.37
C SER C 134 29.87 16.26 -23.91
N LYS C 135 28.69 15.80 -24.41
CA LYS C 135 28.33 15.61 -25.82
C LYS C 135 27.60 16.83 -26.36
N GLY C 139 25.11 20.45 -30.23
CA GLY C 139 25.38 21.41 -31.30
C GLY C 139 26.00 22.72 -30.83
N GLY C 140 25.31 23.83 -31.14
CA GLY C 140 25.70 25.19 -30.78
C GLY C 140 25.12 25.71 -29.48
N THR C 141 23.98 25.12 -29.06
CA THR C 141 23.29 25.47 -27.82
C THR C 141 23.35 24.31 -26.83
N ALA C 142 23.72 24.63 -25.59
CA ALA C 142 23.80 23.69 -24.47
C ALA C 142 22.76 24.09 -23.42
N ALA C 143 22.38 23.15 -22.55
CA ALA C 143 21.45 23.44 -21.46
C ALA C 143 22.10 22.99 -20.17
N LEU C 144 21.94 23.79 -19.13
CA LEU C 144 22.39 23.46 -17.79
C LEU C 144 21.35 23.95 -16.80
N GLY C 145 21.49 23.62 -15.52
CA GLY C 145 20.53 24.10 -14.54
C GLY C 145 20.85 23.69 -13.13
N CYS C 146 19.83 23.79 -12.27
CA CYS C 146 19.86 23.41 -10.85
CA CYS C 146 19.88 23.30 -10.91
C CYS C 146 18.54 22.81 -10.44
N LEU C 147 18.56 21.71 -9.73
CA LEU C 147 17.39 21.02 -9.19
C LEU C 147 17.23 21.40 -7.70
N VAL C 148 16.10 22.01 -7.36
CA VAL C 148 15.75 22.53 -6.03
C VAL C 148 14.75 21.57 -5.41
N LYS C 149 15.25 20.60 -4.66
CA LYS C 149 14.49 19.46 -4.15
C LYS C 149 14.16 19.48 -2.69
N ASP C 150 12.96 18.95 -2.38
CA ASP C 150 12.46 18.70 -1.02
C ASP C 150 12.36 19.92 -0.11
N TYR C 151 11.48 20.85 -0.45
CA TYR C 151 11.31 22.01 0.39
C TYR C 151 9.86 22.18 0.72
N PHE C 152 9.58 22.94 1.79
CA PHE C 152 8.23 23.27 2.24
C PHE C 152 8.29 24.48 3.18
N PRO C 153 7.36 25.45 3.06
CA PRO C 153 6.31 25.60 2.04
C PRO C 153 6.86 26.28 0.78
N GLU C 154 5.99 26.78 -0.09
CA GLU C 154 6.41 27.59 -1.22
C GLU C 154 6.59 29.02 -0.65
N PRO C 155 7.39 29.92 -1.28
CA PRO C 155 8.10 29.80 -2.55
C PRO C 155 9.63 29.71 -2.41
N VAL C 156 10.30 29.45 -3.57
CA VAL C 156 11.76 29.57 -3.73
C VAL C 156 11.98 30.59 -4.85
N THR C 157 13.07 31.32 -4.80
CA THR C 157 13.45 32.20 -5.90
C THR C 157 14.75 31.63 -6.46
N VAL C 158 14.94 31.75 -7.77
CA VAL C 158 16.16 31.31 -8.41
C VAL C 158 16.65 32.43 -9.33
N SER C 159 17.92 32.80 -9.20
CA SER C 159 18.52 33.73 -10.16
C SER C 159 19.72 33.03 -10.73
N TRP C 160 20.24 33.55 -11.87
CA TRP C 160 21.44 33.01 -12.51
C TRP C 160 22.51 34.08 -12.56
N ASN C 161 23.72 33.73 -12.05
CA ASN C 161 24.90 34.62 -11.98
C ASN C 161 24.56 35.94 -11.28
N SER C 162 23.89 35.83 -10.11
CA SER C 162 23.40 36.95 -9.27
C SER C 162 22.49 37.94 -10.02
N GLY C 163 21.79 37.46 -11.04
CA GLY C 163 20.87 38.27 -11.85
C GLY C 163 21.41 38.77 -13.17
N ALA C 164 22.72 38.54 -13.44
CA ALA C 164 23.38 38.95 -14.70
C ALA C 164 22.88 38.14 -15.89
N LEU C 165 22.52 36.85 -15.67
CA LEU C 165 22.01 35.94 -16.70
C LEU C 165 20.50 35.76 -16.55
N THR C 166 19.74 36.27 -17.53
CA THR C 166 18.29 36.23 -17.51
C THR C 166 17.71 35.59 -18.78
N SER C 167 18.43 35.72 -19.90
CA SER C 167 18.02 35.24 -21.22
C SER C 167 18.12 33.72 -21.28
N GLY C 168 17.09 33.09 -21.84
CA GLY C 168 16.99 31.65 -21.98
C GLY C 168 16.73 30.90 -20.67
N VAL C 169 16.42 31.63 -19.58
CA VAL C 169 16.16 31.01 -18.28
C VAL C 169 14.71 30.52 -18.23
N HIS C 170 14.53 29.26 -17.78
CA HIS C 170 13.22 28.71 -17.47
C HIS C 170 13.28 28.12 -16.06
N THR C 171 12.55 28.73 -15.13
CA THR C 171 12.37 28.24 -13.75
C THR C 171 10.97 27.66 -13.72
N PHE C 172 10.87 26.36 -13.60
CA PHE C 172 9.61 25.67 -13.63
C PHE C 172 8.76 25.88 -12.40
N PRO C 173 7.43 25.82 -12.53
CA PRO C 173 6.59 25.84 -11.31
C PRO C 173 6.95 24.58 -10.49
N ALA C 174 6.90 24.68 -9.18
CA ALA C 174 7.15 23.58 -8.28
C ALA C 174 6.11 22.48 -8.47
N VAL C 175 6.53 21.22 -8.31
CA VAL C 175 5.70 20.05 -8.33
C VAL C 175 5.71 19.53 -6.91
N LEU C 176 4.55 19.06 -6.48
CA LEU C 176 4.37 18.46 -5.18
C LEU C 176 4.66 16.98 -5.35
N GLN C 177 5.68 16.50 -4.65
CA GLN C 177 6.10 15.10 -4.71
C GLN C 177 5.24 14.22 -3.78
N SER C 178 5.39 12.91 -3.87
CA SER C 178 4.65 11.94 -3.04
C SER C 178 5.04 12.09 -1.54
N SER C 179 6.20 12.70 -1.27
CA SER C 179 6.67 13.01 0.08
C SER C 179 5.85 14.17 0.72
N GLY C 180 5.11 14.90 -0.08
CA GLY C 180 4.37 16.05 0.40
C GLY C 180 5.22 17.30 0.39
N LEU C 181 6.42 17.19 -0.22
CA LEU C 181 7.36 18.31 -0.35
C LEU C 181 7.46 18.76 -1.80
N TYR C 182 7.86 20.00 -2.00
CA TYR C 182 8.03 20.59 -3.32
C TYR C 182 9.39 20.31 -3.91
N SER C 183 9.44 20.36 -5.24
CA SER C 183 10.64 20.22 -6.03
C SER C 183 10.48 21.06 -7.31
N LEU C 184 11.57 21.71 -7.74
CA LEU C 184 11.65 22.45 -8.99
C LEU C 184 13.02 22.41 -9.64
N SER C 185 13.03 22.78 -10.88
CA SER C 185 14.25 22.87 -11.68
C SER C 185 14.26 24.17 -12.40
N SER C 186 15.42 24.80 -12.35
CA SER C 186 15.64 26.05 -13.07
C SER C 186 16.69 25.70 -14.10
N VAL C 187 16.40 25.95 -15.36
CA VAL C 187 17.31 25.62 -16.45
C VAL C 187 17.69 26.86 -17.27
N VAL C 188 18.77 26.75 -17.99
CA VAL C 188 19.18 27.82 -18.90
C VAL C 188 19.89 27.27 -20.14
N THR C 189 19.55 27.78 -21.30
CA THR C 189 20.21 27.41 -22.53
C THR C 189 21.27 28.48 -22.82
N VAL C 190 22.48 28.05 -23.11
CA VAL C 190 23.64 28.90 -23.31
C VAL C 190 24.44 28.44 -24.56
N PRO C 191 25.34 29.27 -25.14
CA PRO C 191 26.14 28.76 -26.27
C PRO C 191 27.11 27.65 -25.81
N SER C 192 27.22 26.56 -26.59
CA SER C 192 28.14 25.45 -26.31
C SER C 192 29.58 25.94 -26.19
N SER C 193 29.93 26.99 -26.97
CA SER C 193 31.24 27.64 -27.04
C SER C 193 31.61 28.34 -25.72
N SER C 194 30.61 28.66 -24.88
CA SER C 194 30.80 29.33 -23.58
C SER C 194 31.19 28.37 -22.47
N LEU C 195 30.86 27.06 -22.61
CA LEU C 195 31.22 26.04 -21.62
C LEU C 195 32.73 25.89 -21.72
N GLY C 196 33.42 26.14 -20.62
CA GLY C 196 34.87 26.10 -20.69
C GLY C 196 35.48 27.47 -20.48
N THR C 197 34.65 28.50 -20.72
CA THR C 197 34.99 29.92 -20.60
C THR C 197 34.18 30.56 -19.45
N GLN C 198 32.84 30.58 -19.61
CA GLN C 198 31.89 31.17 -18.66
C GLN C 198 31.57 30.25 -17.49
N THR C 199 31.22 30.86 -16.34
CA THR C 199 30.85 30.22 -15.09
C THR C 199 29.36 30.47 -14.80
N TYR C 200 28.58 29.38 -14.67
CA TYR C 200 27.14 29.43 -14.43
C TYR C 200 26.80 28.98 -13.05
N ILE C 201 26.21 29.90 -12.27
CA ILE C 201 25.86 29.70 -10.86
C ILE C 201 24.40 30.09 -10.65
N CYS C 202 23.64 29.18 -9.99
CA CYS C 202 22.24 29.41 -9.64
CA CYS C 202 22.26 29.49 -9.64
C CYS C 202 22.20 29.90 -8.19
N ASN C 203 21.45 30.96 -7.91
CA ASN C 203 21.35 31.50 -6.56
C ASN C 203 19.92 31.21 -6.10
N VAL C 204 19.80 30.23 -5.21
CA VAL C 204 18.52 29.74 -4.69
C VAL C 204 18.26 30.33 -3.31
N ASN C 205 17.05 30.87 -3.13
CA ASN C 205 16.66 31.40 -1.84
C ASN C 205 15.31 30.84 -1.42
N HIS C 206 15.27 30.20 -0.22
CA HIS C 206 14.06 29.72 0.43
C HIS C 206 13.89 30.50 1.75
N LYS C 207 13.18 31.63 1.69
CA LYS C 207 12.96 32.51 2.84
C LYS C 207 12.30 31.79 4.03
N PRO C 208 11.19 30.99 3.88
CA PRO C 208 10.60 30.31 5.05
C PRO C 208 11.53 29.50 5.97
N SER C 209 12.68 29.06 5.46
CA SER C 209 13.69 28.26 6.16
C SER C 209 15.01 29.00 6.37
N ASN C 210 15.12 30.23 5.82
CA ASN C 210 16.32 31.08 5.81
C ASN C 210 17.48 30.41 5.03
N THR C 211 17.14 29.65 3.96
CA THR C 211 18.13 28.94 3.15
C THR C 211 18.54 29.79 1.95
N LYS C 212 19.85 29.99 1.78
CA LYS C 212 20.43 30.69 0.65
C LYS C 212 21.60 29.82 0.17
N VAL C 213 21.47 29.25 -1.05
CA VAL C 213 22.46 28.35 -1.66
C VAL C 213 22.86 28.88 -3.02
N ASP C 214 24.15 28.79 -3.35
CA ASP C 214 24.72 29.11 -4.65
C ASP C 214 25.33 27.81 -5.16
N LYS C 215 24.97 27.40 -6.38
CA LYS C 215 25.46 26.15 -6.96
C LYS C 215 25.97 26.34 -8.35
N LYS C 216 27.15 25.77 -8.61
CA LYS C 216 27.83 25.85 -9.89
C LYS C 216 27.32 24.73 -10.78
N ALA C 217 26.87 25.07 -12.01
CA ALA C 217 26.43 24.10 -13.03
C ALA C 217 27.51 24.14 -14.06
N GLU C 218 28.41 23.13 -14.04
CA GLU C 218 29.56 23.09 -14.96
C GLU C 218 29.81 21.70 -15.57
N PRO C 219 30.69 21.60 -16.60
CA PRO C 219 31.03 20.26 -17.15
C PRO C 219 31.61 19.37 -16.05
N LYS C 220 31.19 18.09 -16.04
CA LYS C 220 31.61 17.14 -15.00
C LYS C 220 32.85 16.36 -15.49
N SER C 221 33.95 16.49 -14.72
CA SER C 221 35.25 15.84 -14.98
C SER C 221 35.13 14.34 -15.13
N CYS C 222 35.93 13.77 -16.04
CA CYS C 222 36.05 12.33 -16.28
C CYS C 222 37.13 11.70 -15.39
N SER D 3 -24.91 36.02 -4.16
CA SER D 3 -25.16 37.41 -4.60
C SER D 3 -25.04 37.52 -6.13
N TYR D 4 -24.77 38.75 -6.64
CA TYR D 4 -24.59 39.07 -8.06
C TYR D 4 -23.46 38.24 -8.65
N VAL D 5 -23.69 37.69 -9.85
CA VAL D 5 -22.74 36.81 -10.54
C VAL D 5 -22.24 37.46 -11.84
N LEU D 6 -20.89 37.48 -12.02
CA LEU D 6 -20.20 38.01 -13.22
C LEU D 6 -19.63 36.80 -13.98
N THR D 7 -20.12 36.56 -15.20
CA THR D 7 -19.75 35.39 -16.01
C THR D 7 -18.73 35.73 -17.06
N GLN D 8 -17.55 35.09 -16.93
CA GLN D 8 -16.43 35.21 -17.87
C GLN D 8 -16.11 33.83 -18.39
N PRO D 9 -15.80 33.73 -19.72
CA PRO D 9 -15.35 32.43 -20.24
C PRO D 9 -13.95 32.14 -19.66
N PRO D 10 -13.57 30.88 -19.35
CA PRO D 10 -12.25 30.64 -18.74
C PRO D 10 -11.07 30.95 -19.67
N SER D 11 -11.26 30.77 -20.98
CA SER D 11 -10.20 30.99 -21.94
C SER D 11 -10.67 31.67 -23.23
N VAL D 12 -9.75 32.44 -23.84
CA VAL D 12 -9.87 33.09 -25.14
C VAL D 12 -8.50 32.93 -25.83
N SER D 13 -8.51 32.43 -27.08
CA SER D 13 -7.34 32.18 -27.93
C SER D 13 -7.41 33.06 -29.15
N VAL D 14 -6.30 33.76 -29.46
CA VAL D 14 -6.13 34.64 -30.62
C VAL D 14 -4.72 34.58 -31.19
N ALA D 15 -4.62 34.83 -32.53
CA ALA D 15 -3.33 34.83 -33.19
C ALA D 15 -2.68 36.19 -33.02
N PRO D 16 -1.32 36.31 -33.11
CA PRO D 16 -0.70 37.64 -33.02
C PRO D 16 -1.26 38.61 -34.09
N GLY D 17 -1.37 39.87 -33.71
CA GLY D 17 -1.93 40.91 -34.57
C GLY D 17 -3.45 40.92 -34.63
N LYS D 18 -4.09 39.83 -34.16
CA LYS D 18 -5.55 39.73 -34.12
C LYS D 18 -6.16 40.44 -32.89
N THR D 19 -7.49 40.43 -32.82
CA THR D 19 -8.30 41.11 -31.82
C THR D 19 -8.96 40.11 -30.89
N ALA D 20 -8.71 40.26 -29.56
CA ALA D 20 -9.34 39.41 -28.55
C ALA D 20 -10.53 40.14 -27.98
N ARG D 21 -11.58 39.40 -27.71
CA ARG D 21 -12.76 39.95 -27.07
C ARG D 21 -13.07 39.13 -25.83
N ILE D 22 -13.00 39.77 -24.65
CA ILE D 22 -13.27 39.10 -23.37
C ILE D 22 -14.61 39.61 -22.82
N THR D 23 -15.59 38.70 -22.72
CA THR D 23 -16.93 39.05 -22.25
C THR D 23 -17.10 38.86 -20.74
N CYS D 24 -17.92 39.74 -20.15
CA CYS D 24 -18.31 39.73 -18.74
C CYS D 24 -19.85 39.88 -18.67
N GLY D 25 -20.54 38.75 -18.50
CA GLY D 25 -21.99 38.69 -18.42
C GLY D 25 -22.52 38.88 -17.01
N GLY D 26 -23.56 39.71 -16.89
CA GLY D 26 -24.22 40.00 -15.62
C GLY D 26 -25.62 40.54 -15.86
N ASN D 27 -26.57 40.20 -14.96
CA ASN D 27 -27.97 40.66 -15.06
C ASN D 27 -28.02 42.18 -15.04
N ASN D 28 -28.24 42.79 -16.21
CA ASN D 28 -28.27 44.24 -16.43
C ASN D 28 -26.95 44.93 -16.00
N ILE D 29 -25.81 44.34 -16.46
CA ILE D 29 -24.47 44.85 -16.20
C ILE D 29 -24.23 46.29 -16.74
N GLY D 30 -25.00 46.69 -17.76
CA GLY D 30 -24.98 48.03 -18.35
C GLY D 30 -25.29 49.13 -17.36
N SER D 31 -26.09 48.80 -16.31
CA SER D 31 -26.49 49.70 -15.22
C SER D 31 -25.35 49.94 -14.18
N LYS D 32 -24.24 49.16 -14.27
CA LYS D 32 -23.08 49.24 -13.36
C LYS D 32 -21.82 49.73 -14.07
N SER D 33 -20.84 50.23 -13.30
CA SER D 33 -19.52 50.62 -13.83
C SER D 33 -18.64 49.36 -13.78
N VAL D 34 -18.09 48.95 -14.95
CA VAL D 34 -17.28 47.73 -15.06
C VAL D 34 -15.82 48.10 -15.14
N HIS D 35 -15.01 47.46 -14.28
CA HIS D 35 -13.57 47.69 -14.23
C HIS D 35 -12.87 46.39 -14.60
N TRP D 36 -11.76 46.50 -15.35
CA TRP D 36 -10.97 45.37 -15.85
C TRP D 36 -9.56 45.37 -15.31
N TYR D 37 -9.08 44.18 -14.87
CA TYR D 37 -7.72 43.97 -14.35
C TYR D 37 -7.01 42.92 -15.17
N GLN D 38 -5.74 43.17 -15.43
CA GLN D 38 -4.87 42.24 -16.14
C GLN D 38 -3.89 41.67 -15.12
N GLN D 39 -3.80 40.34 -15.05
CA GLN D 39 -2.84 39.72 -14.15
C GLN D 39 -1.94 38.73 -14.89
N LYS D 40 -0.69 39.09 -15.04
CA LYS D 40 0.31 38.24 -15.66
C LYS D 40 0.83 37.24 -14.63
N PRO D 41 1.28 36.04 -15.07
CA PRO D 41 1.75 35.03 -14.11
C PRO D 41 2.79 35.51 -13.09
N GLY D 42 2.52 35.22 -11.82
CA GLY D 42 3.38 35.59 -10.68
C GLY D 42 3.39 37.07 -10.34
N GLN D 43 2.53 37.85 -10.96
CA GLN D 43 2.47 39.28 -10.74
C GLN D 43 1.15 39.70 -10.09
N ALA D 44 1.13 40.92 -9.54
CA ALA D 44 -0.08 41.49 -8.96
C ALA D 44 -1.00 41.97 -10.10
N PRO D 45 -2.34 42.06 -9.88
CA PRO D 45 -3.24 42.59 -10.91
C PRO D 45 -2.95 44.04 -11.27
N VAL D 46 -3.34 44.44 -12.50
CA VAL D 46 -3.12 45.80 -13.00
C VAL D 46 -4.45 46.31 -13.56
N LEU D 47 -4.98 47.45 -13.05
CA LEU D 47 -6.23 48.04 -13.58
C LEU D 47 -5.91 48.45 -15.02
N VAL D 48 -6.69 47.92 -15.98
CA VAL D 48 -6.48 48.21 -17.43
C VAL D 48 -7.59 49.07 -18.02
N VAL D 49 -8.80 48.92 -17.49
CA VAL D 49 -9.98 49.66 -17.90
C VAL D 49 -10.81 49.92 -16.63
N TYR D 50 -11.29 51.16 -16.45
CA TYR D 50 -12.16 51.53 -15.32
C TYR D 50 -13.35 52.30 -15.86
N ASP D 51 -14.52 52.20 -15.19
CA ASP D 51 -15.76 52.88 -15.57
C ASP D 51 -16.10 52.60 -17.03
N ASP D 52 -16.17 51.29 -17.32
CA ASP D 52 -16.52 50.60 -18.57
C ASP D 52 -15.59 50.82 -19.76
N SER D 53 -15.12 52.07 -19.97
CA SER D 53 -14.35 52.43 -21.16
C SER D 53 -13.13 53.32 -21.00
N ASP D 54 -12.79 53.73 -19.76
CA ASP D 54 -11.62 54.59 -19.49
C ASP D 54 -10.35 53.81 -19.32
N ARG D 55 -9.21 54.45 -19.64
CA ARG D 55 -7.89 53.85 -19.55
C ARG D 55 -6.94 54.63 -18.67
N PRO D 56 -6.28 53.96 -17.69
CA PRO D 56 -5.25 54.64 -16.90
C PRO D 56 -4.06 55.07 -17.80
N SER D 57 -3.20 55.94 -17.28
CA SER D 57 -2.06 56.53 -18.01
C SER D 57 -1.22 55.62 -18.93
N GLY D 58 -0.58 54.60 -18.36
CA GLY D 58 0.30 53.69 -19.10
C GLY D 58 -0.36 52.62 -19.96
N ILE D 59 -1.68 52.52 -19.89
CA ILE D 59 -2.49 51.53 -20.62
C ILE D 59 -2.65 51.98 -22.10
N PRO D 60 -2.35 51.07 -23.06
CA PRO D 60 -2.41 51.45 -24.48
C PRO D 60 -3.81 51.55 -25.06
N GLU D 61 -3.98 52.40 -26.13
CA GLU D 61 -5.24 52.57 -26.86
C GLU D 61 -5.75 51.24 -27.42
N ARG D 62 -4.84 50.26 -27.55
CA ARG D 62 -5.02 48.86 -27.95
C ARG D 62 -6.12 48.14 -27.12
N PHE D 63 -6.14 48.40 -25.79
CA PHE D 63 -7.12 47.86 -24.85
C PHE D 63 -8.29 48.84 -24.78
N SER D 64 -9.52 48.35 -24.95
CA SER D 64 -10.73 49.16 -24.90
C SER D 64 -11.89 48.40 -24.29
N GLY D 65 -12.72 49.12 -23.56
CA GLY D 65 -13.88 48.52 -22.92
C GLY D 65 -15.21 49.07 -23.39
N SER D 66 -16.24 48.25 -23.25
CA SER D 66 -17.61 48.57 -23.59
C SER D 66 -18.54 47.83 -22.65
N ASN D 67 -19.67 48.45 -22.29
CA ASN D 67 -20.66 47.88 -21.38
C ASN D 67 -22.06 48.35 -21.74
N SER D 68 -22.94 47.39 -22.10
CA SER D 68 -24.34 47.62 -22.44
C SER D 68 -25.15 46.36 -22.23
N GLY D 69 -26.37 46.52 -21.73
CA GLY D 69 -27.31 45.44 -21.49
C GLY D 69 -26.82 44.42 -20.49
N ASN D 70 -26.71 43.18 -20.92
CA ASN D 70 -26.26 42.06 -20.09
C ASN D 70 -24.79 41.66 -20.31
N THR D 71 -24.05 42.39 -21.19
CA THR D 71 -22.65 42.08 -21.50
C THR D 71 -21.70 43.28 -21.51
N ALA D 72 -20.61 43.18 -20.72
CA ALA D 72 -19.48 44.10 -20.73
C ALA D 72 -18.39 43.34 -21.52
N THR D 73 -17.57 44.07 -22.30
CA THR D 73 -16.53 43.46 -23.14
C THR D 73 -15.21 44.21 -23.05
N LEU D 74 -14.12 43.45 -22.86
CA LEU D 74 -12.78 44.02 -22.92
C LEU D 74 -12.26 43.58 -24.29
N THR D 75 -11.84 44.54 -25.11
CA THR D 75 -11.32 44.31 -26.46
C THR D 75 -9.84 44.67 -26.49
N ILE D 76 -9.00 43.70 -26.93
CA ILE D 76 -7.56 43.91 -27.06
C ILE D 76 -7.23 43.75 -28.54
N SER D 77 -6.84 44.86 -29.16
CA SER D 77 -6.51 44.92 -30.57
C SER D 77 -5.04 44.63 -30.72
N ARG D 78 -4.64 44.15 -31.91
CA ARG D 78 -3.24 43.84 -32.27
C ARG D 78 -2.52 43.07 -31.15
N VAL D 79 -3.15 41.95 -30.70
CA VAL D 79 -2.66 41.07 -29.63
C VAL D 79 -1.20 40.68 -29.84
N GLU D 80 -0.36 40.94 -28.81
CA GLU D 80 1.07 40.62 -28.75
C GLU D 80 1.28 39.51 -27.69
N ALA D 81 2.46 38.86 -27.70
CA ALA D 81 2.77 37.82 -26.70
C ALA D 81 2.77 38.43 -25.25
N GLY D 82 3.09 39.71 -25.14
CA GLY D 82 3.06 40.44 -23.87
C GLY D 82 1.68 40.62 -23.26
N ASP D 83 0.60 40.27 -23.98
CA ASP D 83 -0.78 40.37 -23.52
C ASP D 83 -1.27 39.08 -22.84
N GLU D 84 -0.45 38.00 -22.90
CA GLU D 84 -0.77 36.71 -22.26
C GLU D 84 -0.91 37.00 -20.76
N ALA D 85 -2.10 36.78 -20.23
CA ALA D 85 -2.45 37.06 -18.83
C ALA D 85 -3.83 36.53 -18.55
N ASP D 86 -4.23 36.66 -17.29
CA ASP D 86 -5.58 36.38 -16.83
C ASP D 86 -6.26 37.76 -16.70
N TYR D 87 -7.46 37.90 -17.27
CA TYR D 87 -8.19 39.16 -17.27
C TYR D 87 -9.42 39.06 -16.40
N TYR D 88 -9.59 39.98 -15.44
CA TYR D 88 -10.74 39.95 -14.53
C TYR D 88 -11.60 41.19 -14.67
N CYS D 89 -12.93 41.00 -14.74
CA CYS D 89 -13.90 42.10 -14.71
C CYS D 89 -14.38 42.23 -13.25
N GLN D 90 -14.77 43.45 -12.87
CA GLN D 90 -15.21 43.73 -11.52
C GLN D 90 -16.30 44.80 -11.51
N VAL D 91 -17.27 44.63 -10.60
CA VAL D 91 -18.38 45.57 -10.33
C VAL D 91 -18.54 45.69 -8.81
N TRP D 92 -19.48 46.55 -8.38
CA TRP D 92 -19.95 46.70 -7.01
C TRP D 92 -21.44 46.40 -7.08
N ASP D 93 -21.95 45.55 -6.17
CA ASP D 93 -23.37 45.20 -6.07
C ASP D 93 -23.74 44.94 -4.62
N SER D 94 -24.81 45.61 -4.13
CA SER D 94 -25.35 45.51 -2.76
C SER D 94 -24.22 45.55 -1.70
N SER D 95 -23.41 46.64 -1.75
CA SER D 95 -22.26 46.92 -0.86
C SER D 95 -21.20 45.79 -0.85
N SER D 96 -20.95 45.18 -2.02
CA SER D 96 -19.98 44.11 -2.20
C SER D 96 -19.24 44.23 -3.52
N VAL D 97 -17.93 43.93 -3.50
CA VAL D 97 -17.12 43.89 -4.72
C VAL D 97 -17.36 42.49 -5.30
N VAL D 98 -17.70 42.43 -6.61
CA VAL D 98 -17.92 41.17 -7.31
C VAL D 98 -16.91 41.06 -8.45
N PHE D 99 -16.14 39.98 -8.48
CA PHE D 99 -15.17 39.71 -9.53
C PHE D 99 -15.68 38.56 -10.42
N GLY D 100 -15.36 38.64 -11.72
CA GLY D 100 -15.60 37.55 -12.65
C GLY D 100 -14.54 36.48 -12.35
N GLY D 101 -14.76 35.25 -12.81
CA GLY D 101 -13.85 34.13 -12.56
C GLY D 101 -12.50 34.23 -13.25
N GLY D 102 -12.36 35.19 -14.17
CA GLY D 102 -11.13 35.40 -14.94
C GLY D 102 -11.11 34.68 -16.28
N THR D 103 -10.43 35.28 -17.25
CA THR D 103 -10.27 34.72 -18.59
C THR D 103 -8.79 34.73 -18.90
N LYS D 104 -8.25 33.56 -19.22
CA LYS D 104 -6.86 33.39 -19.63
C LYS D 104 -6.76 33.65 -21.12
N LEU D 105 -5.92 34.63 -21.49
CA LEU D 105 -5.65 34.93 -22.88
C LEU D 105 -4.42 34.11 -23.36
N THR D 106 -4.65 33.18 -24.31
CA THR D 106 -3.62 32.36 -24.97
C THR D 106 -3.35 32.93 -26.38
N VAL D 107 -2.07 33.16 -26.71
CA VAL D 107 -1.62 33.66 -28.03
C VAL D 107 -1.38 32.39 -28.93
N LEU D 108 -2.10 32.30 -30.07
CA LEU D 108 -2.08 31.19 -31.02
C LEU D 108 -0.92 31.32 -32.01
N ARG D 109 0.21 30.64 -31.74
CA ARG D 109 1.39 30.69 -32.62
C ARG D 109 1.49 29.42 -33.47
N THR D 110 2.56 29.31 -34.25
CA THR D 110 2.75 28.11 -35.10
C THR D 110 3.38 26.99 -34.31
N VAL D 111 3.23 25.76 -34.82
CA VAL D 111 3.92 24.58 -34.31
C VAL D 111 5.42 24.89 -34.22
N ALA D 112 6.03 24.50 -33.09
CA ALA D 112 7.46 24.69 -32.83
C ALA D 112 7.94 23.39 -32.17
N ALA D 113 9.06 22.83 -32.64
CA ALA D 113 9.49 21.56 -32.07
C ALA D 113 10.32 21.80 -30.81
N PRO D 114 10.17 20.98 -29.73
CA PRO D 114 11.06 21.17 -28.56
C PRO D 114 12.53 20.85 -28.86
N SER D 115 13.45 21.50 -28.13
CA SER D 115 14.88 21.14 -28.07
C SER D 115 14.90 20.21 -26.82
N VAL D 116 15.42 18.96 -26.95
CA VAL D 116 15.43 17.98 -25.87
C VAL D 116 16.80 17.77 -25.23
N PHE D 117 16.84 17.74 -23.90
CA PHE D 117 18.07 17.55 -23.11
C PHE D 117 17.82 16.62 -21.94
N ILE D 118 18.76 15.74 -21.65
CA ILE D 118 18.68 14.77 -20.55
C ILE D 118 19.83 15.07 -19.53
N PHE D 119 19.52 15.01 -18.24
CA PHE D 119 20.47 15.29 -17.18
C PHE D 119 20.57 14.13 -16.22
N PRO D 120 21.77 13.60 -15.99
CA PRO D 120 21.94 12.53 -14.99
C PRO D 120 21.85 13.06 -13.55
N PRO D 121 21.63 12.18 -12.56
CA PRO D 121 21.70 12.63 -11.14
C PRO D 121 23.12 13.10 -10.80
N SER D 122 23.25 14.09 -9.91
CA SER D 122 24.56 14.53 -9.47
C SER D 122 25.15 13.52 -8.44
N ASP D 123 26.49 13.50 -8.28
CA ASP D 123 27.14 12.62 -7.29
C ASP D 123 26.76 13.00 -5.86
N GLU D 124 26.61 14.33 -5.59
CA GLU D 124 26.18 14.89 -4.32
C GLU D 124 24.81 14.32 -3.90
N GLN D 125 23.84 14.25 -4.85
CA GLN D 125 22.50 13.72 -4.57
C GLN D 125 22.53 12.22 -4.33
N LEU D 126 23.36 11.50 -5.10
CA LEU D 126 23.49 10.05 -4.98
C LEU D 126 23.90 9.62 -3.56
N LYS D 127 24.73 10.44 -2.88
CA LYS D 127 25.19 10.25 -1.50
C LYS D 127 24.01 10.12 -0.54
N SER D 128 22.89 10.82 -0.85
CA SER D 128 21.64 10.86 -0.05
C SER D 128 20.73 9.64 -0.24
N GLY D 129 21.06 8.76 -1.19
CA GLY D 129 20.30 7.55 -1.44
C GLY D 129 19.15 7.63 -2.43
N THR D 130 19.05 8.77 -3.14
CA THR D 130 18.01 9.00 -4.15
C THR D 130 18.63 9.54 -5.45
N ALA D 131 18.01 9.21 -6.58
CA ALA D 131 18.47 9.68 -7.89
C ALA D 131 17.34 10.36 -8.65
N SER D 132 17.57 11.62 -9.06
CA SER D 132 16.62 12.36 -9.89
C SER D 132 17.23 12.48 -11.29
N VAL D 133 16.52 11.97 -12.31
CA VAL D 133 16.95 12.08 -13.72
C VAL D 133 16.01 13.11 -14.38
N VAL D 134 16.57 14.16 -15.01
CA VAL D 134 15.72 15.23 -15.57
C VAL D 134 15.78 15.26 -17.10
N CYS D 135 14.60 15.32 -17.75
CA CYS D 135 14.43 15.47 -19.19
C CYS D 135 13.82 16.84 -19.45
N LEU D 136 14.52 17.68 -20.22
CA LEU D 136 14.07 19.02 -20.56
C LEU D 136 13.58 19.15 -22.00
N LEU D 137 12.36 19.70 -22.18
CA LEU D 137 11.70 19.99 -23.48
C LEU D 137 11.59 21.49 -23.51
N ASN D 138 12.40 22.13 -24.36
CA ASN D 138 12.53 23.55 -24.42
C ASN D 138 11.84 24.21 -25.61
N ASN D 139 11.09 25.27 -25.34
CA ASN D 139 10.45 26.17 -26.32
C ASN D 139 9.75 25.49 -27.49
N PHE D 140 8.65 24.84 -27.20
CA PHE D 140 7.82 24.11 -28.16
C PHE D 140 6.35 24.62 -28.11
N TYR D 141 5.58 24.28 -29.12
CA TYR D 141 4.17 24.67 -29.23
C TYR D 141 3.51 23.66 -30.21
N PRO D 142 2.27 23.17 -29.96
CA PRO D 142 1.38 23.41 -28.80
C PRO D 142 1.93 22.78 -27.49
N ARG D 143 1.16 22.95 -26.36
CA ARG D 143 1.50 22.51 -25.01
C ARG D 143 1.60 21.00 -24.88
N GLU D 144 0.76 20.26 -25.64
CA GLU D 144 0.72 18.80 -25.61
C GLU D 144 2.04 18.17 -26.11
N ALA D 145 2.61 17.27 -25.28
CA ALA D 145 3.84 16.54 -25.54
C ALA D 145 3.85 15.22 -24.75
N LYS D 146 4.31 14.15 -25.37
CA LYS D 146 4.41 12.87 -24.71
C LYS D 146 5.88 12.61 -24.38
N VAL D 147 6.17 12.47 -23.07
CA VAL D 147 7.52 12.15 -22.60
C VAL D 147 7.52 10.72 -22.04
N GLN D 148 8.38 9.85 -22.58
CA GLN D 148 8.51 8.46 -22.12
C GLN D 148 9.88 8.19 -21.61
N TRP D 149 9.97 7.67 -20.39
CA TRP D 149 11.23 7.32 -19.75
C TRP D 149 11.52 5.83 -19.99
N LYS D 150 12.77 5.51 -20.37
CA LYS D 150 13.22 4.14 -20.63
C LYS D 150 14.50 3.87 -19.88
N VAL D 151 14.49 2.79 -19.07
CA VAL D 151 15.65 2.38 -18.27
C VAL D 151 16.05 0.97 -18.77
N ASP D 152 17.24 0.85 -19.42
CA ASP D 152 17.76 -0.37 -20.04
C ASP D 152 16.71 -0.92 -21.04
N ASN D 153 16.07 0.00 -21.80
CA ASN D 153 14.99 -0.23 -22.77
C ASN D 153 13.62 -0.54 -22.17
N ALA D 154 13.53 -0.65 -20.83
CA ALA D 154 12.26 -0.90 -20.14
C ALA D 154 11.52 0.42 -19.92
N LEU D 155 10.30 0.51 -20.46
CA LEU D 155 9.43 1.67 -20.32
C LEU D 155 9.01 1.87 -18.86
N GLN D 156 9.17 3.12 -18.35
CA GLN D 156 8.86 3.49 -16.97
C GLN D 156 7.42 3.91 -16.76
N SER D 157 6.88 3.65 -15.56
CA SER D 157 5.51 3.99 -15.18
C SER D 157 5.42 4.33 -13.70
N GLY D 158 4.66 5.38 -13.39
CA GLY D 158 4.40 5.86 -12.02
C GLY D 158 5.58 6.38 -11.22
N ASN D 159 6.70 6.68 -11.88
CA ASN D 159 7.91 7.16 -11.17
C ASN D 159 8.51 8.45 -11.76
N SER D 160 7.69 9.21 -12.47
CA SER D 160 8.09 10.49 -13.05
C SER D 160 7.02 11.56 -12.82
N GLN D 161 7.45 12.83 -12.73
CA GLN D 161 6.53 13.96 -12.61
C GLN D 161 6.92 15.00 -13.60
N GLU D 162 5.92 15.70 -14.16
CA GLU D 162 6.14 16.77 -15.14
C GLU D 162 5.72 18.13 -14.58
N SER D 163 6.42 19.18 -15.03
CA SER D 163 6.10 20.57 -14.79
C SER D 163 6.14 21.32 -16.17
N VAL D 164 5.17 22.20 -16.44
CA VAL D 164 5.11 23.02 -17.66
C VAL D 164 5.08 24.49 -17.29
N THR D 165 5.91 25.31 -17.97
CA THR D 165 5.91 26.76 -17.78
C THR D 165 4.62 27.39 -18.35
N GLU D 166 4.37 28.65 -18.00
CA GLU D 166 3.25 29.42 -18.57
C GLU D 166 3.77 29.80 -19.98
N GLN D 167 2.89 30.26 -20.86
CA GLN D 167 3.25 30.65 -22.20
C GLN D 167 4.29 31.74 -22.14
N ASP D 168 5.37 31.57 -22.92
CA ASP D 168 6.45 32.52 -22.97
C ASP D 168 5.97 33.90 -23.37
N SER D 169 6.40 34.93 -22.60
CA SER D 169 6.03 36.33 -22.78
C SER D 169 6.50 36.95 -24.11
N LYS D 170 7.56 36.39 -24.72
CA LYS D 170 8.12 36.86 -25.98
C LYS D 170 7.74 36.02 -27.20
N ASP D 171 7.88 34.67 -27.12
CA ASP D 171 7.68 33.78 -28.26
C ASP D 171 6.50 32.85 -28.23
N SER D 172 5.70 32.92 -27.13
CA SER D 172 4.48 32.15 -26.91
C SER D 172 4.65 30.64 -26.88
N THR D 173 5.86 30.16 -26.61
CA THR D 173 6.03 28.69 -26.52
C THR D 173 5.89 28.23 -25.08
N TYR D 174 6.01 26.90 -24.88
CA TYR D 174 6.01 26.29 -23.54
C TYR D 174 7.32 25.53 -23.36
N SER D 175 7.73 25.30 -22.12
CA SER D 175 8.84 24.45 -21.80
C SER D 175 8.34 23.44 -20.80
N LEU D 176 8.91 22.25 -20.80
CA LEU D 176 8.44 21.18 -19.91
C LEU D 176 9.64 20.46 -19.31
N SER D 177 9.51 20.09 -18.02
CA SER D 177 10.53 19.30 -17.34
C SER D 177 9.88 18.02 -16.89
N SER D 178 10.54 16.89 -17.13
CA SER D 178 10.08 15.59 -16.64
C SER D 178 11.19 15.08 -15.75
N THR D 179 10.84 14.68 -14.53
CA THR D 179 11.81 14.17 -13.55
C THR D 179 11.46 12.74 -13.18
N LEU D 180 12.44 11.86 -13.40
CA LEU D 180 12.34 10.44 -13.06
C LEU D 180 13.05 10.26 -11.73
N THR D 181 12.32 9.76 -10.73
CA THR D 181 12.87 9.55 -9.39
C THR D 181 13.04 8.03 -9.07
N LEU D 182 14.28 7.63 -8.79
CA LEU D 182 14.67 6.25 -8.44
C LEU D 182 15.53 6.25 -7.19
N SER D 183 15.59 5.09 -6.49
CA SER D 183 16.49 4.90 -5.33
C SER D 183 17.93 4.83 -5.91
N LYS D 184 18.96 5.07 -5.06
CA LYS D 184 20.35 4.92 -5.51
C LYS D 184 20.56 3.46 -5.98
N ALA D 185 19.95 2.48 -5.25
CA ALA D 185 19.98 1.04 -5.52
C ALA D 185 19.50 0.73 -6.94
N ASP D 186 18.26 1.12 -7.29
CA ASP D 186 17.70 0.90 -8.62
C ASP D 186 18.51 1.63 -9.70
N TYR D 187 18.92 2.89 -9.44
CA TYR D 187 19.68 3.66 -10.41
C TYR D 187 21.02 2.99 -10.76
N GLU D 188 21.73 2.47 -9.73
CA GLU D 188 23.01 1.79 -9.91
C GLU D 188 22.91 0.37 -10.50
N LYS D 189 21.68 -0.18 -10.55
CA LYS D 189 21.39 -1.51 -11.12
C LYS D 189 21.28 -1.47 -12.66
N HIS D 190 21.18 -0.26 -13.27
CA HIS D 190 21.00 -0.09 -14.72
C HIS D 190 22.00 0.87 -15.33
N LYS D 191 22.22 0.78 -16.66
CA LYS D 191 23.20 1.64 -17.34
C LYS D 191 22.59 2.69 -18.31
N VAL D 192 21.61 2.27 -19.16
CA VAL D 192 21.03 3.14 -20.18
C VAL D 192 19.81 3.92 -19.72
N TYR D 193 19.93 5.26 -19.69
CA TYR D 193 18.83 6.14 -19.27
C TYR D 193 18.40 7.00 -20.42
N ALA D 194 17.14 6.86 -20.83
CA ALA D 194 16.64 7.58 -21.99
C ALA D 194 15.27 8.20 -21.81
N CYS D 195 15.08 9.37 -22.41
CA CYS D 195 13.74 9.95 -22.47
C CYS D 195 13.40 10.18 -23.91
N GLU D 196 12.25 9.66 -24.32
CA GLU D 196 11.73 9.69 -25.67
C GLU D 196 10.61 10.70 -25.71
N VAL D 197 10.70 11.63 -26.66
CA VAL D 197 9.76 12.74 -26.82
C VAL D 197 8.92 12.67 -28.12
N THR D 198 7.59 12.59 -27.97
CA THR D 198 6.64 12.60 -29.07
C THR D 198 5.94 13.97 -29.01
N HIS D 199 6.06 14.74 -30.11
CA HIS D 199 5.48 16.06 -30.27
C HIS D 199 5.10 16.26 -31.72
N GLN D 200 4.07 17.09 -31.95
CA GLN D 200 3.51 17.51 -33.23
C GLN D 200 4.56 18.06 -34.17
N GLY D 201 5.42 18.92 -33.64
CA GLY D 201 6.49 19.56 -34.41
C GLY D 201 7.62 18.67 -34.88
N LEU D 202 7.62 17.38 -34.49
CA LEU D 202 8.67 16.42 -34.86
C LEU D 202 8.06 15.37 -35.79
N SER D 203 8.81 14.99 -36.84
CA SER D 203 8.41 13.98 -37.83
C SER D 203 8.34 12.60 -37.17
N SER D 204 9.32 12.31 -36.31
CA SER D 204 9.41 11.06 -35.55
C SER D 204 9.92 11.36 -34.11
N PRO D 205 9.57 10.53 -33.09
CA PRO D 205 10.02 10.83 -31.72
C PRO D 205 11.52 11.00 -31.54
N VAL D 206 11.93 11.96 -30.68
CA VAL D 206 13.33 12.28 -30.38
C VAL D 206 13.72 11.65 -29.04
N THR D 207 14.86 10.94 -29.02
CA THR D 207 15.35 10.29 -27.81
C THR D 207 16.66 10.90 -27.42
N LYS D 208 16.79 11.22 -26.12
CA LYS D 208 18.03 11.71 -25.56
C LYS D 208 18.39 10.72 -24.47
N SER D 209 19.62 10.21 -24.51
CA SER D 209 20.07 9.21 -23.57
C SER D 209 21.49 9.43 -23.04
N PHE D 210 21.82 8.73 -21.96
CA PHE D 210 23.17 8.68 -21.39
C PHE D 210 23.39 7.29 -20.77
N ASN D 211 24.64 6.87 -20.69
CA ASN D 211 24.96 5.61 -20.04
C ASN D 211 25.53 5.94 -18.66
N ARG D 212 24.91 5.42 -17.57
CA ARG D 212 25.33 5.59 -16.16
C ARG D 212 26.84 5.26 -16.13
N GLY D 213 27.61 6.18 -15.59
CA GLY D 213 29.06 6.15 -15.68
C GLY D 213 29.37 6.94 -16.93
N GLU D 214 30.54 6.76 -17.58
CA GLU D 214 30.89 7.49 -18.82
C GLU D 214 30.70 9.02 -18.70
N GLN E 1 -35.22 7.31 -9.47
CA GLN E 1 -35.09 7.19 -8.04
C GLN E 1 -35.22 5.73 -7.57
N VAL E 2 -34.93 4.80 -8.50
CA VAL E 2 -34.82 3.37 -8.24
C VAL E 2 -33.46 3.12 -7.51
N GLN E 3 -33.45 2.24 -6.51
CA GLN E 3 -32.22 1.88 -5.81
C GLN E 3 -32.12 0.34 -5.73
N LEU E 4 -30.96 -0.22 -6.17
CA LEU E 4 -30.77 -1.66 -6.08
C LEU E 4 -30.34 -2.01 -4.70
N VAL E 5 -31.14 -2.79 -4.00
CA VAL E 5 -30.94 -3.18 -2.61
C VAL E 5 -30.69 -4.68 -2.51
N GLN E 6 -29.50 -5.04 -1.99
CA GLN E 6 -29.08 -6.45 -1.85
C GLN E 6 -29.23 -6.97 -0.43
N SER E 7 -29.27 -8.30 -0.30
CA SER E 7 -29.34 -9.01 0.98
C SER E 7 -27.97 -8.86 1.71
N GLY E 8 -28.01 -9.12 3.01
CA GLY E 8 -26.88 -8.97 3.92
C GLY E 8 -25.77 -10.01 3.78
N ALA E 9 -24.58 -9.61 4.23
CA ALA E 9 -23.34 -10.42 4.25
C ALA E 9 -23.59 -11.77 4.91
N GLU E 10 -23.04 -12.84 4.35
CA GLU E 10 -23.23 -14.18 4.89
C GLU E 10 -21.93 -14.95 4.93
N VAL E 11 -21.85 -15.90 5.86
CA VAL E 11 -20.77 -16.85 5.97
C VAL E 11 -21.28 -18.17 5.45
N LYS E 12 -20.55 -18.82 4.61
CA LYS E 12 -21.06 -20.07 4.09
C LYS E 12 -20.00 -21.15 4.20
N LYS E 13 -20.42 -22.39 4.57
CA LYS E 13 -19.45 -23.49 4.71
C LYS E 13 -18.92 -23.90 3.36
N PRO E 14 -17.65 -24.38 3.20
CA PRO E 14 -17.21 -24.81 1.86
C PRO E 14 -18.06 -25.99 1.34
N GLY E 15 -18.35 -25.94 0.05
CA GLY E 15 -19.20 -26.93 -0.60
C GLY E 15 -20.67 -26.55 -0.56
N SER E 16 -21.02 -25.55 0.29
CA SER E 16 -22.38 -25.03 0.39
C SER E 16 -22.75 -24.16 -0.81
N SER E 17 -24.01 -23.70 -0.84
CA SER E 17 -24.61 -22.90 -1.89
C SER E 17 -25.05 -21.54 -1.30
N VAL E 18 -24.94 -20.48 -2.08
CA VAL E 18 -25.38 -19.13 -1.65
C VAL E 18 -26.34 -18.50 -2.67
N LYS E 19 -27.41 -17.85 -2.19
CA LYS E 19 -28.36 -17.19 -3.06
C LYS E 19 -28.44 -15.74 -2.66
N VAL E 20 -27.96 -14.84 -3.51
CA VAL E 20 -27.95 -13.42 -3.18
C VAL E 20 -29.05 -12.69 -3.94
N SER E 21 -29.87 -11.91 -3.21
CA SER E 21 -30.99 -11.16 -3.79
C SER E 21 -30.63 -9.71 -4.10
N CYS E 22 -31.31 -9.12 -5.10
CA CYS E 22 -31.11 -7.76 -5.58
C CYS E 22 -32.47 -7.18 -5.97
N GLU E 23 -33.02 -6.34 -5.11
CA GLU E 23 -34.32 -5.74 -5.33
C GLU E 23 -34.23 -4.36 -5.95
N ALA E 24 -34.96 -4.16 -7.06
CA ALA E 24 -35.03 -2.84 -7.69
C ALA E 24 -36.07 -2.03 -6.90
N SER E 25 -35.65 -1.43 -5.77
CA SER E 25 -36.55 -0.64 -4.93
C SER E 25 -36.92 0.64 -5.63
N GLY E 26 -38.22 0.88 -5.69
CA GLY E 26 -38.80 2.04 -6.38
C GLY E 26 -38.82 1.87 -7.89
N GLY E 27 -38.61 0.65 -8.35
CA GLY E 27 -38.48 0.37 -9.77
C GLY E 27 -38.85 -1.03 -10.20
N THR E 28 -38.23 -1.47 -11.32
CA THR E 28 -38.48 -2.77 -11.96
C THR E 28 -37.19 -3.36 -12.58
N LEU E 29 -37.28 -4.63 -12.98
CA LEU E 29 -36.27 -5.35 -13.74
C LEU E 29 -36.83 -5.72 -15.13
N SER E 30 -38.16 -5.51 -15.36
CA SER E 30 -38.81 -5.70 -16.66
C SER E 30 -38.18 -4.72 -17.63
N ASN E 31 -37.85 -5.18 -18.83
CA ASN E 31 -37.20 -4.37 -19.87
C ASN E 31 -35.81 -3.80 -19.52
N TYR E 32 -35.04 -4.54 -18.74
CA TYR E 32 -33.72 -4.13 -18.31
C TYR E 32 -32.81 -5.33 -18.20
N VAL E 33 -31.49 -5.07 -18.24
CA VAL E 33 -30.47 -6.11 -18.05
C VAL E 33 -30.06 -6.10 -16.56
N ILE E 34 -30.11 -7.25 -15.89
CA ILE E 34 -29.62 -7.39 -14.51
C ILE E 34 -28.29 -8.17 -14.58
N THR E 35 -27.25 -7.58 -13.95
CA THR E 35 -25.86 -8.09 -14.00
C THR E 35 -25.31 -8.43 -12.64
N TRP E 36 -24.46 -9.47 -12.59
CA TRP E 36 -23.82 -9.85 -11.34
C TRP E 36 -22.32 -9.76 -11.57
N VAL E 37 -21.65 -9.02 -10.69
CA VAL E 37 -20.21 -8.73 -10.70
C VAL E 37 -19.66 -9.03 -9.33
N ARG E 38 -18.44 -9.65 -9.24
CA ARG E 38 -17.83 -9.89 -7.96
C ARG E 38 -16.49 -9.22 -7.82
N GLN E 39 -16.03 -9.13 -6.58
CA GLN E 39 -14.79 -8.48 -6.29
C GLN E 39 -14.21 -9.09 -5.06
N ALA E 40 -13.15 -9.88 -5.27
CA ALA E 40 -12.38 -10.51 -4.19
C ALA E 40 -11.73 -9.34 -3.40
N PRO E 41 -11.56 -9.43 -2.08
CA PRO E 41 -11.04 -8.24 -1.35
C PRO E 41 -9.68 -7.73 -1.84
N GLY E 42 -9.65 -6.43 -2.13
CA GLY E 42 -8.47 -5.74 -2.65
C GLY E 42 -8.22 -5.95 -4.13
N GLN E 43 -9.09 -6.70 -4.83
CA GLN E 43 -8.92 -6.99 -6.27
C GLN E 43 -9.89 -6.19 -7.14
N GLY E 44 -9.93 -6.52 -8.41
CA GLY E 44 -10.77 -5.89 -9.41
C GLY E 44 -12.16 -6.51 -9.56
N LEU E 45 -12.91 -5.92 -10.49
CA LEU E 45 -14.29 -6.32 -10.78
C LEU E 45 -14.28 -7.50 -11.74
N GLU E 46 -15.09 -8.50 -11.45
CA GLU E 46 -15.19 -9.69 -12.28
C GLU E 46 -16.66 -9.97 -12.62
N TRP E 47 -16.99 -9.92 -13.92
CA TRP E 47 -18.34 -10.22 -14.40
C TRP E 47 -18.64 -11.69 -14.19
N MET E 48 -19.85 -11.98 -13.71
CA MET E 48 -20.29 -13.33 -13.44
C MET E 48 -21.36 -13.75 -14.46
N GLY E 49 -22.13 -12.77 -14.91
CA GLY E 49 -23.21 -13.04 -15.85
C GLY E 49 -24.26 -11.96 -15.90
N GLY E 50 -25.05 -12.04 -16.94
CA GLY E 50 -26.17 -11.14 -17.23
C GLY E 50 -27.49 -11.86 -17.40
N PHE E 51 -28.60 -11.18 -17.12
CA PHE E 51 -29.92 -11.79 -17.24
C PHE E 51 -30.97 -10.77 -17.63
N ILE E 52 -31.83 -11.15 -18.58
CA ILE E 52 -32.93 -10.29 -19.03
C ILE E 52 -34.24 -11.07 -18.70
N PRO E 53 -34.83 -10.80 -17.50
CA PRO E 53 -36.04 -11.54 -17.08
C PRO E 53 -37.21 -11.57 -18.07
N THR E 54 -37.47 -10.43 -18.75
CA THR E 54 -38.51 -10.21 -19.76
C THR E 54 -38.37 -11.20 -20.92
N PHE E 55 -37.15 -11.37 -21.43
CA PHE E 55 -36.85 -12.25 -22.56
C PHE E 55 -36.36 -13.62 -22.16
N ARG E 56 -36.39 -13.95 -20.85
CA ARG E 56 -35.97 -15.25 -20.27
C ARG E 56 -34.59 -15.76 -20.75
N THR E 57 -33.72 -14.82 -21.18
CA THR E 57 -32.35 -15.09 -21.64
C THR E 57 -31.29 -14.71 -20.58
N ALA E 58 -30.29 -15.60 -20.40
CA ALA E 58 -29.15 -15.40 -19.51
C ALA E 58 -27.84 -15.64 -20.26
N MET E 59 -26.78 -14.89 -19.89
CA MET E 59 -25.43 -15.06 -20.45
C MET E 59 -24.46 -15.19 -19.29
N TYR E 60 -23.67 -16.26 -19.29
CA TYR E 60 -22.76 -16.52 -18.20
C TYR E 60 -21.27 -16.34 -18.51
N ALA E 61 -20.51 -15.95 -17.49
CA ALA E 61 -19.06 -15.76 -17.61
C ALA E 61 -18.34 -17.10 -17.57
N GLN E 62 -17.25 -17.20 -18.33
CA GLN E 62 -16.40 -18.37 -18.30
C GLN E 62 -15.52 -18.18 -17.07
N GLY E 63 -15.20 -19.29 -16.39
CA GLY E 63 -14.35 -19.25 -15.21
C GLY E 63 -15.07 -19.46 -13.89
N PHE E 64 -16.30 -19.97 -13.95
CA PHE E 64 -17.12 -20.24 -12.77
C PHE E 64 -17.54 -21.70 -12.74
N GLN E 65 -17.07 -22.51 -13.74
CA GLN E 65 -17.35 -23.95 -13.91
C GLN E 65 -18.87 -24.25 -13.97
N GLY E 66 -19.64 -23.25 -14.47
CA GLY E 66 -21.10 -23.30 -14.58
C GLY E 66 -21.82 -23.42 -13.25
N ARG E 67 -21.26 -22.81 -12.18
CA ARG E 67 -21.80 -22.85 -10.81
C ARG E 67 -22.73 -21.67 -10.53
N VAL E 68 -22.84 -20.74 -11.49
CA VAL E 68 -23.67 -19.52 -11.33
C VAL E 68 -25.01 -19.62 -12.07
N THR E 69 -26.09 -19.24 -11.36
CA THR E 69 -27.44 -19.19 -11.90
C THR E 69 -28.07 -17.85 -11.50
N ILE E 70 -28.51 -17.05 -12.48
CA ILE E 70 -29.20 -15.79 -12.20
C ILE E 70 -30.68 -15.95 -12.57
N THR E 71 -31.57 -15.74 -11.59
CA THR E 71 -33.02 -15.83 -11.70
C THR E 71 -33.66 -14.50 -11.24
N ALA E 72 -34.96 -14.36 -11.49
CA ALA E 72 -35.74 -13.18 -11.11
C ALA E 72 -37.12 -13.66 -10.67
N ASP E 73 -37.70 -12.97 -9.67
CA ASP E 73 -38.98 -13.35 -9.05
C ASP E 73 -40.24 -13.14 -9.95
N GLU E 74 -41.40 -13.65 -9.49
CA GLU E 74 -42.73 -13.55 -10.13
C GLU E 74 -43.05 -12.18 -10.79
N SER E 75 -42.93 -11.06 -10.00
CA SER E 75 -43.19 -9.66 -10.35
C SER E 75 -42.06 -8.96 -11.12
N THR E 76 -40.93 -9.68 -11.35
CA THR E 76 -39.74 -9.18 -12.05
C THR E 76 -39.17 -7.85 -11.43
N SER E 77 -38.98 -7.85 -10.10
CA SER E 77 -38.43 -6.72 -9.36
C SER E 77 -37.24 -7.17 -8.46
N ILE E 78 -37.20 -8.46 -8.06
CA ILE E 78 -36.13 -9.03 -7.25
C ILE E 78 -35.38 -10.01 -8.10
N ALA E 79 -34.06 -9.79 -8.23
CA ALA E 79 -33.15 -10.66 -8.97
C ALA E 79 -32.37 -11.49 -7.99
N TYR E 80 -31.98 -12.68 -8.43
CA TYR E 80 -31.21 -13.57 -7.58
C TYR E 80 -29.99 -14.10 -8.28
N MET E 81 -28.91 -14.32 -7.53
CA MET E 81 -27.71 -14.97 -8.05
C MET E 81 -27.43 -16.17 -7.12
N GLU E 82 -27.38 -17.38 -7.70
CA GLU E 82 -27.05 -18.57 -6.92
C GLU E 82 -25.69 -19.10 -7.32
N LEU E 83 -24.80 -19.24 -6.34
CA LEU E 83 -23.45 -19.77 -6.56
C LEU E 83 -23.30 -21.05 -5.73
N THR E 84 -23.05 -22.18 -6.43
CA THR E 84 -22.97 -23.51 -5.81
C THR E 84 -21.53 -23.95 -5.59
N ASN E 85 -21.35 -25.01 -4.73
CA ASN E 85 -20.07 -25.67 -4.39
C ASN E 85 -19.01 -24.64 -4.05
N LEU E 86 -19.30 -23.86 -3.03
CA LEU E 86 -18.48 -22.75 -2.57
C LEU E 86 -17.08 -23.15 -2.04
N ARG E 87 -16.04 -22.51 -2.57
CA ARG E 87 -14.64 -22.71 -2.15
C ARG E 87 -14.15 -21.38 -1.54
N SER E 88 -13.06 -21.41 -0.76
CA SER E 88 -12.52 -20.21 -0.12
C SER E 88 -12.24 -19.09 -1.12
N GLU E 89 -11.92 -19.42 -2.39
CA GLU E 89 -11.63 -18.48 -3.49
C GLU E 89 -12.87 -17.66 -3.88
N ASP E 90 -14.06 -18.09 -3.42
CA ASP E 90 -15.35 -17.41 -3.69
C ASP E 90 -15.64 -16.32 -2.66
N THR E 91 -14.81 -16.19 -1.60
CA THR E 91 -14.96 -15.10 -0.61
C THR E 91 -14.84 -13.79 -1.39
N ALA E 92 -15.93 -13.01 -1.47
CA ALA E 92 -15.96 -11.77 -2.30
C ALA E 92 -17.18 -10.91 -2.03
N VAL E 93 -17.14 -9.66 -2.52
CA VAL E 93 -18.29 -8.76 -2.49
C VAL E 93 -19.01 -9.03 -3.80
N TYR E 94 -20.28 -9.40 -3.71
CA TYR E 94 -21.05 -9.66 -4.92
C TYR E 94 -21.97 -8.49 -5.20
N TYR E 95 -21.83 -7.89 -6.36
CA TYR E 95 -22.64 -6.74 -6.77
C TYR E 95 -23.68 -7.12 -7.80
N CYS E 96 -24.90 -6.59 -7.64
CA CYS E 96 -25.85 -6.66 -8.72
C CYS E 96 -25.82 -5.26 -9.36
N ALA E 97 -26.04 -5.18 -10.67
CA ALA E 97 -26.07 -3.92 -11.40
C ALA E 97 -27.17 -4.00 -12.45
N ARG E 98 -27.86 -2.88 -12.72
CA ARG E 98 -28.90 -2.81 -13.75
C ARG E 98 -28.48 -1.84 -14.85
N GLY E 99 -28.71 -2.25 -16.09
CA GLY E 99 -28.42 -1.44 -17.26
C GLY E 99 -29.57 -1.47 -18.27
N PRO E 100 -29.70 -0.45 -19.15
CA PRO E 100 -30.79 -0.48 -20.14
C PRO E 100 -30.52 -1.50 -21.26
N LEU E 101 -31.60 -2.10 -21.80
CA LEU E 101 -31.52 -3.13 -22.86
C LEU E 101 -30.65 -2.72 -24.05
N SER E 102 -29.76 -3.65 -24.48
CA SER E 102 -28.83 -3.52 -25.60
C SER E 102 -27.75 -2.42 -25.50
N ARG E 103 -27.68 -1.72 -24.35
CA ARG E 103 -26.73 -0.60 -24.17
C ARG E 103 -25.30 -1.02 -23.75
N GLY E 104 -25.20 -2.13 -22.98
CA GLY E 104 -23.94 -2.72 -22.56
C GLY E 104 -23.30 -2.20 -21.29
N TYR E 105 -23.78 -1.09 -20.75
CA TYR E 105 -23.28 -0.46 -19.52
C TYR E 105 -24.33 -0.59 -18.39
N TYR E 106 -23.90 -0.36 -17.13
CA TYR E 106 -24.71 -0.49 -15.95
C TYR E 106 -24.73 0.78 -15.15
N ASP E 107 -25.83 1.51 -15.22
CA ASP E 107 -26.02 2.81 -14.56
C ASP E 107 -26.52 2.75 -13.12
N TYR E 108 -27.01 1.59 -12.69
CA TYR E 108 -27.45 1.39 -11.31
C TYR E 108 -26.73 0.19 -10.73
N TRP E 109 -26.19 0.35 -9.53
CA TRP E 109 -25.49 -0.69 -8.81
C TRP E 109 -26.04 -0.88 -7.43
N GLY E 110 -26.04 -2.11 -6.94
CA GLY E 110 -26.41 -2.42 -5.56
C GLY E 110 -25.26 -2.11 -4.64
N GLN E 111 -25.49 -2.09 -3.33
CA GLN E 111 -24.39 -1.75 -2.42
C GLN E 111 -23.40 -2.91 -2.14
N GLY E 112 -23.67 -4.09 -2.70
CA GLY E 112 -22.83 -5.28 -2.59
C GLY E 112 -23.13 -6.18 -1.41
N THR E 113 -22.80 -7.45 -1.58
CA THR E 113 -22.97 -8.44 -0.54
C THR E 113 -21.66 -9.19 -0.32
N LEU E 114 -21.10 -9.09 0.88
CA LEU E 114 -19.86 -9.84 1.20
C LEU E 114 -20.17 -11.28 1.61
N VAL E 115 -19.86 -12.24 0.74
CA VAL E 115 -20.07 -13.66 1.07
C VAL E 115 -18.70 -14.25 1.47
N THR E 116 -18.55 -14.74 2.72
CA THR E 116 -17.28 -15.34 3.22
C THR E 116 -17.39 -16.85 3.27
N VAL E 117 -16.60 -17.54 2.44
CA VAL E 117 -16.54 -19.01 2.44
C VAL E 117 -15.57 -19.47 3.58
N SER E 118 -16.14 -20.04 4.69
CA SER E 118 -15.37 -20.46 5.86
C SER E 118 -15.95 -21.67 6.61
N SER E 119 -15.04 -22.48 7.18
CA SER E 119 -15.38 -23.62 8.03
C SER E 119 -15.70 -23.11 9.46
N ALA E 120 -15.22 -21.90 9.78
CA ALA E 120 -15.36 -21.36 11.12
C ALA E 120 -16.75 -20.82 11.40
N SER E 121 -17.12 -20.83 12.67
CA SER E 121 -18.40 -20.33 13.16
C SER E 121 -18.37 -18.81 13.28
N THR E 122 -19.52 -18.17 13.05
CA THR E 122 -19.72 -16.72 13.17
C THR E 122 -19.62 -16.27 14.61
N LYS E 123 -18.95 -15.15 14.83
CA LYS E 123 -18.83 -14.54 16.15
C LYS E 123 -19.14 -13.03 16.02
N GLY E 124 -20.06 -12.56 16.87
CA GLY E 124 -20.44 -11.16 16.93
C GLY E 124 -19.41 -10.39 17.72
N PRO E 125 -19.23 -9.08 17.48
CA PRO E 125 -18.20 -8.36 18.23
C PRO E 125 -18.61 -7.94 19.62
N SER E 126 -17.62 -7.52 20.41
CA SER E 126 -17.73 -6.90 21.71
C SER E 126 -17.36 -5.45 21.38
N VAL E 127 -18.17 -4.50 21.83
CA VAL E 127 -17.92 -3.11 21.50
C VAL E 127 -17.51 -2.42 22.76
N PHE E 128 -16.35 -1.76 22.74
CA PHE E 128 -15.84 -1.03 23.90
C PHE E 128 -15.62 0.42 23.60
N PRO E 129 -15.89 1.35 24.55
CA PRO E 129 -15.64 2.78 24.26
C PRO E 129 -14.18 3.19 24.27
N LEU E 130 -13.84 4.18 23.44
CA LEU E 130 -12.54 4.83 23.40
C LEU E 130 -12.89 6.21 23.94
N ALA E 131 -12.65 6.40 25.24
CA ALA E 131 -13.06 7.58 26.01
C ALA E 131 -12.21 8.83 25.79
N PRO E 132 -12.83 10.03 25.60
CA PRO E 132 -12.02 11.26 25.42
C PRO E 132 -11.24 11.67 26.66
N GLY E 139 -6.89 20.49 24.13
CA GLY E 139 -7.18 21.85 23.68
C GLY E 139 -8.64 22.10 23.34
N GLY E 140 -8.89 22.46 22.07
CA GLY E 140 -10.23 22.75 21.56
C GLY E 140 -10.89 21.57 20.87
N THR E 141 -10.08 20.62 20.39
CA THR E 141 -10.56 19.40 19.71
C THR E 141 -10.26 18.19 20.57
N ALA E 142 -11.29 17.34 20.75
CA ALA E 142 -11.19 16.08 21.48
C ALA E 142 -11.41 14.92 20.50
N ALA E 143 -10.95 13.73 20.85
CA ALA E 143 -11.17 12.53 20.06
C ALA E 143 -11.80 11.47 20.93
N LEU E 144 -12.79 10.78 20.39
CA LEU E 144 -13.42 9.66 21.08
C LEU E 144 -13.72 8.58 20.02
N GLY E 145 -14.16 7.42 20.46
CA GLY E 145 -14.50 6.37 19.52
C GLY E 145 -15.02 5.11 20.18
N CYS E 146 -15.01 4.03 19.40
CA CYS E 146 -15.44 2.68 19.80
CA CYS E 146 -15.33 2.71 19.88
C CYS E 146 -14.53 1.63 19.18
N LEU E 147 -14.09 0.64 19.98
CA LEU E 147 -13.29 -0.51 19.60
C LEU E 147 -14.28 -1.63 19.35
N VAL E 148 -14.23 -2.24 18.14
CA VAL E 148 -15.12 -3.30 17.71
C VAL E 148 -14.23 -4.54 17.62
N LYS E 149 -14.22 -5.34 18.71
CA LYS E 149 -13.29 -6.45 18.90
C LYS E 149 -13.85 -7.84 18.76
N ASP E 150 -13.02 -8.74 18.17
CA ASP E 150 -13.28 -10.18 18.09
C ASP E 150 -14.53 -10.58 17.34
N TYR E 151 -14.56 -10.32 16.04
CA TYR E 151 -15.70 -10.72 15.28
C TYR E 151 -15.26 -11.50 14.07
N PHE E 152 -16.19 -12.24 13.47
CA PHE E 152 -15.96 -13.04 12.28
C PHE E 152 -17.31 -13.42 11.67
N PRO E 153 -17.49 -13.37 10.34
CA PRO E 153 -16.53 -12.87 9.32
C PRO E 153 -16.64 -11.32 9.18
N GLU E 154 -16.11 -10.77 8.08
CA GLU E 154 -16.34 -9.35 7.82
C GLU E 154 -17.76 -9.33 7.16
N PRO E 155 -18.48 -8.18 7.15
CA PRO E 155 -18.11 -6.85 7.61
C PRO E 155 -18.86 -6.39 8.84
N VAL E 156 -18.43 -5.24 9.42
CA VAL E 156 -19.19 -4.54 10.45
C VAL E 156 -19.42 -3.11 9.88
N THR E 157 -20.54 -2.49 10.21
CA THR E 157 -20.80 -1.09 9.84
C THR E 157 -20.84 -0.33 11.17
N VAL E 158 -20.37 0.89 11.14
CA VAL E 158 -20.38 1.75 12.32
C VAL E 158 -20.96 3.10 11.87
N SER E 159 -21.99 3.58 12.60
CA SER E 159 -22.49 4.93 12.41
C SER E 159 -22.33 5.65 13.74
N TRP E 160 -22.44 6.97 13.72
CA TRP E 160 -22.35 7.80 14.91
C TRP E 160 -23.64 8.59 15.07
N ASN E 161 -24.24 8.50 16.28
CA ASN E 161 -25.52 9.15 16.64
C ASN E 161 -26.63 8.83 15.61
N SER E 162 -26.76 7.54 15.27
CA SER E 162 -27.71 7.00 14.30
C SER E 162 -27.61 7.63 12.89
N GLY E 163 -26.40 8.10 12.53
CA GLY E 163 -26.12 8.71 11.23
C GLY E 163 -26.11 10.21 11.21
N ALA E 164 -26.47 10.86 12.33
CA ALA E 164 -26.48 12.33 12.46
C ALA E 164 -25.06 12.91 12.44
N LEU E 165 -24.08 12.16 13.01
CA LEU E 165 -22.68 12.58 13.09
C LEU E 165 -21.84 11.82 12.06
N THR E 166 -21.36 12.54 11.04
CA THR E 166 -20.56 11.98 9.94
C THR E 166 -19.22 12.69 9.78
N SER E 167 -19.16 13.98 10.16
CA SER E 167 -17.97 14.82 10.02
C SER E 167 -16.90 14.43 11.04
N GLY E 168 -15.66 14.32 10.58
CA GLY E 168 -14.51 13.97 11.43
C GLY E 168 -14.44 12.49 11.79
N VAL E 169 -15.30 11.68 11.17
CA VAL E 169 -15.36 10.23 11.45
C VAL E 169 -14.29 9.48 10.64
N HIS E 170 -13.54 8.58 11.32
CA HIS E 170 -12.63 7.65 10.68
C HIS E 170 -12.93 6.26 11.21
N THR E 171 -13.45 5.39 10.33
CA THR E 171 -13.68 3.97 10.67
C THR E 171 -12.56 3.22 9.96
N PHE E 172 -11.68 2.62 10.75
CA PHE E 172 -10.52 1.94 10.23
C PHE E 172 -10.85 0.61 9.60
N PRO E 173 -10.06 0.20 8.57
CA PRO E 173 -10.18 -1.16 8.05
C PRO E 173 -9.91 -2.14 9.20
N ALA E 174 -10.59 -3.27 9.19
CA ALA E 174 -10.40 -4.32 10.18
C ALA E 174 -8.99 -4.90 10.05
N VAL E 175 -8.43 -5.30 11.21
CA VAL E 175 -7.15 -5.99 11.30
C VAL E 175 -7.48 -7.39 11.75
N LEU E 176 -6.77 -8.34 11.18
CA LEU E 176 -6.91 -9.74 11.53
C LEU E 176 -5.91 -9.96 12.66
N GLN E 177 -6.43 -10.33 13.82
CA GLN E 177 -5.65 -10.56 15.02
C GLN E 177 -5.03 -11.98 15.00
N SER E 178 -4.11 -12.26 15.95
CA SER E 178 -3.48 -13.59 16.10
C SER E 178 -4.52 -14.66 16.43
N SER E 179 -5.67 -14.26 17.00
CA SER E 179 -6.80 -15.16 17.28
C SER E 179 -7.50 -15.64 15.99
N GLY E 180 -7.24 -15.00 14.87
CA GLY E 180 -7.93 -15.32 13.62
C GLY E 180 -9.26 -14.58 13.50
N LEU E 181 -9.50 -13.64 14.43
CA LEU E 181 -10.72 -12.81 14.45
C LEU E 181 -10.37 -11.37 14.12
N TYR E 182 -11.37 -10.64 13.59
CA TYR E 182 -11.21 -9.24 13.25
C TYR E 182 -11.41 -8.30 14.41
N SER E 183 -10.80 -7.14 14.29
CA SER E 183 -10.92 -6.04 15.23
C SER E 183 -10.78 -4.74 14.44
N LEU E 184 -11.55 -3.72 14.83
CA LEU E 184 -11.61 -2.43 14.11
C LEU E 184 -11.89 -1.34 15.13
N SER E 185 -11.43 -0.14 14.87
CA SER E 185 -11.78 1.04 15.68
C SER E 185 -12.50 2.05 14.80
N SER E 186 -13.45 2.78 15.35
CA SER E 186 -14.12 3.89 14.66
C SER E 186 -13.93 5.06 15.58
N VAL E 187 -13.36 6.12 15.06
CA VAL E 187 -13.04 7.31 15.87
C VAL E 187 -13.71 8.56 15.31
N VAL E 188 -13.88 9.57 16.15
CA VAL E 188 -14.42 10.85 15.74
C VAL E 188 -13.80 11.96 16.56
N THR E 189 -13.40 13.06 15.90
CA THR E 189 -12.89 14.27 16.54
C THR E 189 -14.05 15.27 16.64
N VAL E 190 -14.22 15.83 17.82
CA VAL E 190 -15.34 16.72 18.17
C VAL E 190 -14.83 17.94 18.97
N PRO E 191 -15.59 19.06 19.11
CA PRO E 191 -15.11 20.16 19.95
C PRO E 191 -15.07 19.75 21.42
N SER E 192 -14.00 20.11 22.15
CA SER E 192 -13.84 19.83 23.57
C SER E 192 -14.99 20.43 24.38
N SER E 193 -15.51 21.59 23.93
CA SER E 193 -16.64 22.33 24.52
C SER E 193 -17.96 21.54 24.47
N SER E 194 -18.08 20.57 23.54
CA SER E 194 -19.27 19.72 23.37
C SER E 194 -19.34 18.57 24.39
N LEU E 195 -18.19 18.15 24.96
CA LEU E 195 -18.15 17.08 25.97
C LEU E 195 -18.80 17.66 27.22
N GLY E 196 -19.86 17.01 27.67
CA GLY E 196 -20.63 17.47 28.82
C GLY E 196 -21.97 18.03 28.41
N THR E 197 -22.12 18.33 27.10
CA THR E 197 -23.32 18.86 26.47
C THR E 197 -23.91 17.79 25.53
N GLN E 198 -23.15 17.42 24.47
CA GLN E 198 -23.51 16.44 23.45
C GLN E 198 -23.25 15.01 23.90
N THR E 199 -24.06 14.08 23.38
CA THR E 199 -23.95 12.64 23.66
C THR E 199 -23.51 11.92 22.38
N TYR E 200 -22.39 11.17 22.48
CA TYR E 200 -21.80 10.44 21.36
C TYR E 200 -21.95 8.96 21.51
N ILE E 201 -22.68 8.36 20.58
CA ILE E 201 -23.00 6.94 20.56
C ILE E 201 -22.63 6.34 19.20
N CYS E 202 -21.91 5.20 19.24
CA CYS E 202 -21.54 4.45 18.05
CA CYS E 202 -21.60 4.48 18.01
C CYS E 202 -22.57 3.32 17.86
N ASN E 203 -23.09 3.17 16.66
CA ASN E 203 -24.06 2.12 16.35
C ASN E 203 -23.38 1.13 15.47
N VAL E 204 -23.05 -0.03 16.06
CA VAL E 204 -22.32 -1.11 15.42
C VAL E 204 -23.28 -2.18 14.96
N ASN E 205 -23.15 -2.59 13.69
CA ASN E 205 -23.95 -3.65 13.14
C ASN E 205 -23.09 -4.71 12.45
N HIS E 206 -23.27 -5.98 12.81
CA HIS E 206 -22.55 -7.12 12.25
C HIS E 206 -23.65 -8.07 11.77
N LYS E 207 -24.08 -7.87 10.54
CA LYS E 207 -25.13 -8.64 9.89
C LYS E 207 -24.93 -10.16 9.95
N PRO E 208 -23.71 -10.74 9.71
CA PRO E 208 -23.56 -12.21 9.80
C PRO E 208 -24.05 -12.88 11.09
N SER E 209 -23.96 -12.17 12.23
CA SER E 209 -24.45 -12.71 13.51
C SER E 209 -25.73 -11.96 14.02
N ASN E 210 -26.33 -11.06 13.20
CA ASN E 210 -27.49 -10.24 13.58
C ASN E 210 -27.18 -9.45 14.86
N THR E 211 -25.93 -8.95 15.00
CA THR E 211 -25.52 -8.20 16.20
C THR E 211 -25.66 -6.72 15.94
N LYS E 212 -26.42 -6.05 16.79
CA LYS E 212 -26.61 -4.61 16.74
C LYS E 212 -26.36 -4.09 18.16
N VAL E 213 -25.30 -3.30 18.33
CA VAL E 213 -24.85 -2.76 19.62
C VAL E 213 -24.72 -1.24 19.48
N ASP E 214 -25.11 -0.51 20.54
CA ASP E 214 -25.00 0.94 20.66
C ASP E 214 -24.14 1.17 21.87
N LYS E 215 -23.08 1.98 21.73
CA LYS E 215 -22.16 2.23 22.82
C LYS E 215 -21.88 3.70 22.97
N LYS E 216 -21.99 4.18 24.22
CA LYS E 216 -21.75 5.56 24.59
C LYS E 216 -20.25 5.74 24.80
N ALA E 217 -19.66 6.72 24.10
CA ALA E 217 -18.25 7.05 24.25
C ALA E 217 -18.28 8.36 25.00
N GLU E 218 -17.94 8.31 26.31
CA GLU E 218 -17.98 9.47 27.18
C GLU E 218 -16.76 9.53 28.11
N PRO E 219 -16.37 10.73 28.61
CA PRO E 219 -15.19 10.78 29.49
C PRO E 219 -15.43 10.14 30.85
N LYS E 220 -14.36 9.63 31.48
CA LYS E 220 -14.36 8.97 32.80
C LYS E 220 -14.64 9.95 33.96
N SER E 221 -14.70 9.44 35.21
CA SER E 221 -14.94 10.24 36.41
C SER E 221 -13.65 10.60 37.14
N THR F 2 -22.87 -10.89 -31.54
CA THR F 2 -23.56 -11.51 -32.67
C THR F 2 -24.70 -12.49 -32.21
N GLY F 3 -25.86 -12.39 -32.86
CA GLY F 3 -27.07 -13.13 -32.52
C GLY F 3 -28.08 -12.18 -31.91
N TRP F 4 -29.38 -12.55 -31.90
CA TRP F 4 -30.42 -11.66 -31.37
C TRP F 4 -30.50 -11.53 -29.84
N LEU F 5 -30.35 -12.66 -29.12
CA LEU F 5 -30.36 -12.76 -27.66
C LEU F 5 -29.19 -11.91 -27.10
N ALA F 6 -28.07 -11.85 -27.84
CA ALA F 6 -26.85 -11.11 -27.56
C ALA F 6 -26.99 -9.61 -27.83
N GLY F 7 -27.74 -9.26 -28.89
CA GLY F 7 -28.05 -7.87 -29.26
C GLY F 7 -28.95 -7.17 -28.25
N LEU F 8 -29.50 -7.95 -27.30
CA LEU F 8 -30.34 -7.48 -26.20
C LEU F 8 -29.41 -7.06 -25.02
N PHE F 9 -28.19 -7.59 -24.99
CA PHE F 9 -27.18 -7.27 -23.99
C PHE F 9 -26.31 -6.11 -24.44
N TYR F 10 -25.92 -6.10 -25.71
CA TYR F 10 -25.05 -5.07 -26.29
C TYR F 10 -25.18 -4.98 -27.81
N GLN F 11 -24.74 -3.84 -28.36
CA GLN F 11 -24.71 -3.58 -29.79
C GLN F 11 -23.27 -3.29 -30.21
N HIS F 12 -22.91 -3.60 -31.47
CA HIS F 12 -21.58 -3.33 -32.03
C HIS F 12 -21.55 -1.86 -32.47
N LYS F 13 -20.50 -1.13 -32.07
CA LYS F 13 -20.30 0.29 -32.39
C LYS F 13 -20.22 0.51 -33.90
N SER G 2 -14.63 -15.13 -23.95
CA SER G 2 -13.72 -14.10 -24.48
C SER G 2 -12.29 -14.16 -23.94
N SER G 3 -11.32 -13.85 -24.80
CA SER G 3 -9.92 -13.85 -24.46
C SER G 3 -9.41 -12.38 -24.43
N TYR G 4 -10.32 -11.42 -24.82
CA TYR G 4 -10.05 -9.98 -24.91
C TYR G 4 -9.57 -9.41 -23.60
N VAL G 5 -8.54 -8.55 -23.68
CA VAL G 5 -7.85 -7.98 -22.53
C VAL G 5 -7.85 -6.47 -22.59
N LEU G 6 -8.17 -5.86 -21.45
CA LEU G 6 -8.18 -4.42 -21.24
C LEU G 6 -7.03 -4.11 -20.28
N THR G 7 -6.14 -3.21 -20.69
CA THR G 7 -4.94 -2.88 -19.92
C THR G 7 -4.98 -1.47 -19.36
N GLN G 8 -4.94 -1.39 -18.01
CA GLN G 8 -4.93 -0.16 -17.25
C GLN G 8 -3.68 -0.10 -16.39
N PRO G 9 -3.07 1.10 -16.24
CA PRO G 9 -1.95 1.22 -15.29
C PRO G 9 -2.51 1.08 -13.88
N PRO G 10 -1.80 0.49 -12.91
CA PRO G 10 -2.40 0.28 -11.57
C PRO G 10 -2.63 1.58 -10.79
N SER G 11 -1.79 2.58 -11.00
CA SER G 11 -1.89 3.85 -10.30
C SER G 11 -1.62 5.06 -11.17
N VAL G 12 -2.23 6.19 -10.80
CA VAL G 12 -2.07 7.53 -11.37
C VAL G 12 -2.10 8.51 -10.16
N SER G 13 -1.08 9.39 -10.01
CA SER G 13 -0.99 10.41 -8.95
C SER G 13 -1.09 11.77 -9.58
N VAL G 14 -1.97 12.62 -9.04
CA VAL G 14 -2.25 14.00 -9.51
C VAL G 14 -2.17 14.96 -8.33
N ALA G 15 -1.77 16.21 -8.55
CA ALA G 15 -1.82 17.21 -7.47
C ALA G 15 -3.16 17.95 -7.62
N PRO G 16 -3.78 18.53 -6.56
CA PRO G 16 -5.09 19.18 -6.72
C PRO G 16 -5.11 20.24 -7.82
N GLY G 17 -6.26 20.39 -8.47
CA GLY G 17 -6.41 21.32 -9.59
C GLY G 17 -5.78 20.85 -10.89
N LYS G 18 -4.95 19.80 -10.86
CA LYS G 18 -4.33 19.23 -12.05
C LYS G 18 -5.25 18.21 -12.77
N THR G 19 -4.78 17.68 -13.91
CA THR G 19 -5.51 16.79 -14.80
C THR G 19 -4.97 15.37 -14.75
N ALA G 20 -5.87 14.40 -14.48
CA ALA G 20 -5.50 13.00 -14.45
C ALA G 20 -5.93 12.37 -15.77
N ARG G 21 -5.11 11.48 -16.28
CA ARG G 21 -5.43 10.74 -17.49
C ARG G 21 -5.32 9.26 -17.20
N ILE G 22 -6.43 8.54 -17.33
CA ILE G 22 -6.46 7.10 -17.08
C ILE G 22 -6.65 6.38 -18.41
N THR G 23 -5.65 5.61 -18.81
CA THR G 23 -5.68 4.87 -20.08
C THR G 23 -6.21 3.47 -19.96
N CYS G 24 -6.87 3.01 -21.00
CA CYS G 24 -7.43 1.67 -21.13
C CYS G 24 -7.04 1.13 -22.52
N GLY G 25 -6.00 0.30 -22.55
CA GLY G 25 -5.48 -0.30 -23.78
C GLY G 25 -6.15 -1.61 -24.13
N GLY G 26 -6.46 -1.76 -25.41
CA GLY G 26 -7.09 -2.94 -25.94
C GLY G 26 -6.93 -3.04 -27.43
N ASN G 27 -6.82 -4.29 -27.94
CA ASN G 27 -6.66 -4.54 -29.39
C ASN G 27 -7.81 -3.95 -30.16
N ASN G 28 -7.56 -2.81 -30.84
CA ASN G 28 -8.56 -2.06 -31.62
C ASN G 28 -9.80 -1.67 -30.75
N ILE G 29 -9.51 -1.11 -29.55
CA ILE G 29 -10.54 -0.67 -28.58
C ILE G 29 -11.48 0.41 -29.16
N GLY G 30 -11.00 1.16 -30.17
CA GLY G 30 -11.76 2.19 -30.89
C GLY G 30 -13.02 1.64 -31.53
N SER G 31 -13.00 0.34 -31.92
CA SER G 31 -14.11 -0.38 -32.54
C SER G 31 -15.24 -0.78 -31.54
N LYS G 32 -14.98 -0.60 -30.22
CA LYS G 32 -15.90 -0.95 -29.13
C LYS G 32 -16.39 0.29 -28.37
N SER G 33 -17.55 0.17 -27.66
CA SER G 33 -18.07 1.24 -26.80
C SER G 33 -17.41 1.02 -25.41
N VAL G 34 -16.71 2.03 -24.90
CA VAL G 34 -15.98 1.93 -23.63
C VAL G 34 -16.74 2.67 -22.55
N HIS G 35 -16.97 1.96 -21.42
CA HIS G 35 -17.69 2.53 -20.28
C HIS G 35 -16.72 2.57 -19.09
N TRP G 36 -16.81 3.64 -18.29
CA TRP G 36 -15.96 3.89 -17.13
C TRP G 36 -16.75 3.92 -15.82
N TYR G 37 -16.22 3.23 -14.81
CA TYR G 37 -16.81 3.17 -13.46
C TYR G 37 -15.82 3.72 -12.44
N GLN G 38 -16.34 4.51 -11.51
CA GLN G 38 -15.57 5.05 -10.41
C GLN G 38 -15.99 4.30 -9.14
N GLN G 39 -15.01 3.75 -8.41
CA GLN G 39 -15.32 3.07 -7.18
C GLN G 39 -14.51 3.62 -6.03
N LYS G 40 -15.21 4.35 -5.15
CA LYS G 40 -14.60 4.91 -3.94
C LYS G 40 -14.52 3.83 -2.85
N PRO G 41 -13.54 3.92 -1.92
CA PRO G 41 -13.39 2.83 -0.94
C PRO G 41 -14.65 2.51 -0.12
N GLY G 42 -14.96 1.20 -0.05
CA GLY G 42 -16.11 0.66 0.64
C GLY G 42 -17.45 0.95 -0.02
N GLN G 43 -17.43 1.48 -1.25
CA GLN G 43 -18.64 1.83 -1.97
C GLN G 43 -18.80 0.98 -3.19
N ALA G 44 -20.02 0.91 -3.71
CA ALA G 44 -20.32 0.23 -4.97
C ALA G 44 -19.78 1.09 -6.15
N PRO G 45 -19.48 0.49 -7.32
CA PRO G 45 -19.03 1.28 -8.49
C PRO G 45 -20.12 2.26 -8.96
N VAL G 46 -19.68 3.33 -9.62
CA VAL G 46 -20.58 4.36 -10.17
C VAL G 46 -20.22 4.60 -11.62
N LEU G 47 -21.22 4.60 -12.53
CA LEU G 47 -21.01 4.89 -13.97
C LEU G 47 -20.64 6.37 -14.12
N VAL G 48 -19.46 6.66 -14.68
CA VAL G 48 -19.07 8.07 -14.82
C VAL G 48 -19.03 8.55 -16.29
N VAL G 49 -18.79 7.59 -17.23
CA VAL G 49 -18.65 7.76 -18.69
C VAL G 49 -19.17 6.47 -19.31
N TYR G 50 -20.04 6.57 -20.31
CA TYR G 50 -20.62 5.45 -21.09
C TYR G 50 -20.53 5.81 -22.56
N ASP G 51 -20.48 4.80 -23.46
CA ASP G 51 -20.41 5.04 -24.91
C ASP G 51 -19.24 5.95 -25.29
N ASP G 52 -18.05 5.63 -24.73
CA ASP G 52 -16.77 6.35 -24.90
C ASP G 52 -16.68 7.74 -24.28
N SER G 53 -17.65 8.64 -24.55
CA SER G 53 -17.53 10.04 -24.15
C SER G 53 -18.75 10.67 -23.49
N ASP G 54 -19.81 9.88 -23.26
CA ASP G 54 -21.05 10.39 -22.65
C ASP G 54 -21.06 10.29 -21.13
N ARG G 55 -21.66 11.30 -20.50
CA ARG G 55 -21.80 11.40 -19.05
C ARG G 55 -23.20 11.23 -18.59
N PRO G 56 -23.43 10.32 -17.59
CA PRO G 56 -24.73 10.29 -16.91
C PRO G 56 -25.02 11.66 -16.26
N SER G 57 -26.32 11.91 -15.94
CA SER G 57 -26.84 13.17 -15.39
C SER G 57 -26.05 13.89 -14.27
N GLY G 58 -25.79 13.22 -13.15
CA GLY G 58 -25.11 13.88 -12.04
C GLY G 58 -23.60 13.99 -12.09
N ILE G 59 -22.99 13.50 -13.17
CA ILE G 59 -21.54 13.49 -13.32
C ILE G 59 -21.01 14.85 -13.73
N PRO G 60 -20.07 15.46 -12.98
CA PRO G 60 -19.48 16.74 -13.43
C PRO G 60 -18.83 16.67 -14.82
N GLU G 61 -18.84 17.81 -15.53
CA GLU G 61 -18.25 18.03 -16.86
C GLU G 61 -16.74 17.83 -16.89
N ARG G 62 -16.08 17.95 -15.72
CA ARG G 62 -14.64 17.74 -15.53
C ARG G 62 -14.21 16.28 -15.87
N PHE G 63 -15.18 15.34 -15.97
CA PHE G 63 -14.96 13.94 -16.34
C PHE G 63 -15.23 13.77 -17.83
N SER G 64 -14.23 13.39 -18.61
CA SER G 64 -14.41 13.23 -20.06
C SER G 64 -13.69 12.02 -20.58
N GLY G 65 -14.30 11.39 -21.56
CA GLY G 65 -13.76 10.18 -22.17
C GLY G 65 -13.48 10.32 -23.64
N SER G 66 -12.56 9.51 -24.11
CA SER G 66 -12.16 9.44 -25.50
C SER G 66 -11.74 8.02 -25.81
N ASN G 67 -12.03 7.54 -27.02
CA ASN G 67 -11.68 6.20 -27.47
C ASN G 67 -11.37 6.20 -28.97
N SER G 68 -10.12 5.85 -29.30
CA SER G 68 -9.61 5.75 -30.68
C SER G 68 -8.42 4.82 -30.73
N GLY G 69 -8.36 4.01 -31.79
CA GLY G 69 -7.30 3.07 -32.04
C GLY G 69 -7.20 1.98 -30.99
N ASN G 70 -6.03 1.92 -30.34
CA ASN G 70 -5.75 0.92 -29.31
C ASN G 70 -5.85 1.48 -27.88
N THR G 71 -6.22 2.78 -27.73
CA THR G 71 -6.33 3.40 -26.42
C THR G 71 -7.62 4.22 -26.16
N ALA G 72 -8.33 3.88 -25.06
CA ALA G 72 -9.46 4.62 -24.53
C ALA G 72 -8.87 5.39 -23.33
N THR G 73 -9.34 6.62 -23.08
CA THR G 73 -8.81 7.45 -21.99
C THR G 73 -9.91 8.11 -21.21
N LEU G 74 -9.82 8.05 -19.87
CA LEU G 74 -10.70 8.81 -19.00
C LEU G 74 -9.85 9.97 -18.52
N THR G 75 -10.34 11.20 -18.73
CA THR G 75 -9.66 12.43 -18.35
C THR G 75 -10.46 13.12 -17.24
N ILE G 76 -9.78 13.41 -16.12
CA ILE G 76 -10.41 14.10 -14.98
C ILE G 76 -9.64 15.40 -14.81
N SER G 77 -10.32 16.51 -15.12
CA SER G 77 -9.76 17.85 -15.04
C SER G 77 -10.02 18.37 -13.65
N ARG G 78 -9.19 19.34 -13.22
CA ARG G 78 -9.30 20.03 -11.92
C ARG G 78 -9.56 19.04 -10.78
N VAL G 79 -8.71 17.99 -10.69
CA VAL G 79 -8.76 16.92 -9.70
C VAL G 79 -8.92 17.49 -8.27
N GLU G 80 -9.96 16.99 -7.56
CA GLU G 80 -10.31 17.33 -6.17
C GLU G 80 -10.08 16.08 -5.30
N ALA G 81 -10.10 16.24 -3.96
CA ALA G 81 -9.96 15.11 -3.02
C ALA G 81 -11.12 14.11 -3.21
N GLY G 82 -12.28 14.61 -3.62
CA GLY G 82 -13.44 13.76 -3.86
C GLY G 82 -13.31 12.78 -5.03
N ASP G 83 -12.21 12.86 -5.82
CA ASP G 83 -11.93 12.03 -6.99
C ASP G 83 -11.08 10.81 -6.69
N GLU G 84 -10.50 10.74 -5.47
CA GLU G 84 -9.74 9.59 -4.94
C GLU G 84 -10.65 8.35 -5.05
N ALA G 85 -10.26 7.35 -5.90
CA ALA G 85 -11.05 6.17 -6.16
C ALA G 85 -10.27 5.25 -7.05
N ASP G 86 -10.85 4.08 -7.33
CA ASP G 86 -10.36 3.13 -8.30
C ASP G 86 -11.26 3.31 -9.53
N TYR G 87 -10.65 3.43 -10.71
CA TYR G 87 -11.37 3.65 -11.95
C TYR G 87 -11.28 2.45 -12.85
N TYR G 88 -12.41 1.92 -13.31
CA TYR G 88 -12.42 0.73 -14.18
C TYR G 88 -13.04 1.02 -15.52
N CYS G 89 -12.39 0.56 -16.60
CA CYS G 89 -12.93 0.64 -17.95
C CYS G 89 -13.60 -0.72 -18.22
N GLN G 90 -14.61 -0.71 -19.08
CA GLN G 90 -15.36 -1.92 -19.41
C GLN G 90 -15.83 -1.88 -20.86
N VAL G 91 -15.83 -3.06 -21.49
CA VAL G 91 -16.34 -3.30 -22.85
C VAL G 91 -17.16 -4.61 -22.83
N TRP G 92 -17.74 -4.95 -23.99
CA TRP G 92 -18.37 -6.23 -24.26
C TRP G 92 -17.56 -6.80 -25.45
N ASP G 93 -17.20 -8.08 -25.39
CA ASP G 93 -16.47 -8.79 -26.43
C ASP G 93 -16.89 -10.24 -26.45
N SER G 94 -17.32 -10.73 -27.64
CA SER G 94 -17.77 -12.10 -27.89
C SER G 94 -18.70 -12.62 -26.78
N SER G 95 -19.82 -11.88 -26.58
CA SER G 95 -20.86 -12.16 -25.59
C SER G 95 -20.34 -12.27 -24.13
N SER G 96 -19.35 -11.42 -23.79
CA SER G 96 -18.77 -11.36 -22.44
C SER G 96 -18.45 -9.93 -22.04
N VAL G 97 -18.65 -9.62 -20.76
CA VAL G 97 -18.26 -8.33 -20.19
C VAL G 97 -16.76 -8.46 -19.84
N VAL G 98 -15.96 -7.48 -20.28
CA VAL G 98 -14.52 -7.46 -19.95
C VAL G 98 -14.20 -6.17 -19.20
N PHE G 99 -13.58 -6.30 -18.03
CA PHE G 99 -13.16 -5.15 -17.25
C PHE G 99 -11.64 -4.99 -17.27
N GLY G 100 -11.16 -3.76 -17.18
CA GLY G 100 -9.75 -3.47 -16.98
C GLY G 100 -9.42 -3.76 -15.53
N GLY G 101 -8.14 -3.93 -15.20
CA GLY G 101 -7.72 -4.26 -13.84
C GLY G 101 -7.93 -3.16 -12.80
N GLY G 102 -8.26 -1.95 -13.25
CA GLY G 102 -8.47 -0.80 -12.38
C GLY G 102 -7.25 0.08 -12.20
N THR G 103 -7.49 1.38 -11.99
CA THR G 103 -6.45 2.37 -11.75
C THR G 103 -6.85 3.14 -10.53
N LYS G 104 -5.97 3.11 -9.52
CA LYS G 104 -6.14 3.89 -8.29
C LYS G 104 -5.65 5.32 -8.50
N LEU G 105 -6.54 6.29 -8.29
CA LEU G 105 -6.19 7.69 -8.36
C LEU G 105 -5.80 8.19 -6.97
N THR G 106 -4.59 8.62 -6.79
CA THR G 106 -4.07 9.22 -5.55
C THR G 106 -3.97 10.74 -5.74
N VAL G 107 -4.41 11.53 -4.75
CA VAL G 107 -4.28 12.98 -4.80
C VAL G 107 -3.07 13.40 -3.97
N LEU G 108 -2.05 13.96 -4.66
CA LEU G 108 -0.80 14.48 -4.08
C LEU G 108 -1.13 15.74 -3.32
N ARG G 109 -0.87 15.79 -2.03
CA ARG G 109 -1.15 16.97 -1.22
C ARG G 109 0.13 17.31 -0.46
N THR G 110 0.10 18.36 0.35
CA THR G 110 1.28 18.76 1.10
C THR G 110 1.51 17.89 2.31
N VAL G 111 2.72 17.95 2.88
CA VAL G 111 3.07 17.30 4.11
C VAL G 111 2.14 17.86 5.19
N ALA G 112 1.63 16.98 6.06
CA ALA G 112 0.71 17.34 7.15
C ALA G 112 1.07 16.45 8.33
N ALA G 113 1.30 17.05 9.49
CA ALA G 113 1.67 16.34 10.73
C ALA G 113 0.43 15.76 11.40
N PRO G 114 0.57 14.59 12.06
CA PRO G 114 -0.60 14.02 12.74
C PRO G 114 -0.91 14.75 14.04
N SER G 115 -2.19 14.67 14.45
CA SER G 115 -2.78 15.02 15.74
C SER G 115 -2.76 13.64 16.45
N VAL G 116 -2.10 13.55 17.62
CA VAL G 116 -1.97 12.28 18.34
C VAL G 116 -2.86 12.18 19.59
N PHE G 117 -3.52 11.02 19.76
CA PHE G 117 -4.40 10.75 20.90
C PHE G 117 -4.16 9.34 21.41
N ILE G 118 -4.16 9.16 22.75
CA ILE G 118 -4.00 7.86 23.40
C ILE G 118 -5.31 7.50 24.17
N PHE G 119 -5.72 6.23 24.10
CA PHE G 119 -6.93 5.78 24.76
C PHE G 119 -6.65 4.61 25.66
N PRO G 120 -7.01 4.71 26.96
CA PRO G 120 -6.81 3.57 27.85
C PRO G 120 -7.85 2.47 27.61
N PRO G 121 -7.61 1.22 28.09
CA PRO G 121 -8.65 0.18 27.99
C PRO G 121 -9.87 0.58 28.82
N SER G 122 -11.07 0.21 28.37
CA SER G 122 -12.29 0.49 29.11
C SER G 122 -12.42 -0.50 30.31
N ASP G 123 -13.17 -0.11 31.36
CA ASP G 123 -13.38 -0.98 32.52
C ASP G 123 -14.15 -2.26 32.13
N GLU G 124 -15.13 -2.11 31.21
CA GLU G 124 -15.94 -3.20 30.67
C GLU G 124 -15.06 -4.29 30.04
N GLN G 125 -14.03 -3.88 29.25
CA GLN G 125 -13.12 -4.81 28.58
C GLN G 125 -12.22 -5.51 29.58
N LEU G 126 -11.74 -4.75 30.59
CA LEU G 126 -10.85 -5.28 31.63
C LEU G 126 -11.46 -6.48 32.36
N LYS G 127 -12.81 -6.46 32.57
CA LYS G 127 -13.59 -7.54 33.19
C LYS G 127 -13.38 -8.87 32.46
N SER G 128 -13.15 -8.82 31.13
CA SER G 128 -12.95 -9.97 30.24
C SER G 128 -11.53 -10.58 30.29
N GLY G 129 -10.61 -9.93 30.99
CA GLY G 129 -9.24 -10.40 31.15
C GLY G 129 -8.23 -9.97 30.10
N THR G 130 -8.62 -9.01 29.22
CA THR G 130 -7.76 -8.48 28.16
C THR G 130 -7.80 -6.95 28.16
N ALA G 131 -6.68 -6.32 27.77
CA ALA G 131 -6.57 -4.87 27.70
C ALA G 131 -6.08 -4.43 26.32
N SER G 132 -6.85 -3.54 25.68
CA SER G 132 -6.48 -2.94 24.39
C SER G 132 -6.19 -1.47 24.63
N VAL G 133 -4.97 -1.04 24.29
CA VAL G 133 -4.57 0.38 24.42
C VAL G 133 -4.50 0.93 22.99
N VAL G 134 -5.21 2.02 22.70
CA VAL G 134 -5.25 2.56 21.33
C VAL G 134 -4.54 3.91 21.18
N CYS G 135 -3.65 4.02 20.18
CA CYS G 135 -2.96 5.28 19.81
C CYS G 135 -3.50 5.72 18.44
N LEU G 136 -4.03 6.94 18.37
CA LEU G 136 -4.61 7.49 17.16
C LEU G 136 -3.73 8.60 16.54
N LEU G 137 -3.38 8.44 15.25
CA LEU G 137 -2.64 9.44 14.45
C LEU G 137 -3.63 9.96 13.44
N ASN G 138 -4.07 11.18 13.66
CA ASN G 138 -5.12 11.73 12.86
C ASN G 138 -4.68 12.72 11.84
N ASN G 139 -5.23 12.56 10.62
CA ASN G 139 -5.09 13.48 9.50
C ASN G 139 -3.63 13.89 9.15
N PHE G 140 -2.86 12.91 8.73
CA PHE G 140 -1.47 13.21 8.37
C PHE G 140 -1.17 12.90 6.91
N TYR G 141 -0.01 13.36 6.44
CA TYR G 141 0.51 13.14 5.09
C TYR G 141 2.04 13.36 5.05
N PRO G 142 2.84 12.49 4.38
CA PRO G 142 2.44 11.23 3.68
C PRO G 142 2.06 10.10 4.65
N ARG G 143 1.80 8.92 4.10
CA ARG G 143 1.30 7.74 4.80
C ARG G 143 2.28 7.11 5.78
N GLU G 144 3.59 7.21 5.49
CA GLU G 144 4.63 6.63 6.34
C GLU G 144 4.75 7.36 7.69
N ALA G 145 4.63 6.59 8.79
CA ALA G 145 4.68 7.06 10.18
C ALA G 145 5.19 5.95 11.10
N LYS G 146 6.06 6.29 12.05
CA LYS G 146 6.60 5.30 12.99
C LYS G 146 5.91 5.48 14.34
N VAL G 147 5.24 4.41 14.82
CA VAL G 147 4.56 4.42 16.12
C VAL G 147 5.32 3.47 17.07
N GLN G 148 5.76 3.99 18.24
CA GLN G 148 6.45 3.19 19.25
C GLN G 148 5.68 3.17 20.57
N TRP G 149 5.39 1.97 21.08
CA TRP G 149 4.70 1.79 22.35
C TRP G 149 5.71 1.63 23.50
N LYS G 150 5.49 2.34 24.61
CA LYS G 150 6.35 2.29 25.80
C LYS G 150 5.52 2.04 27.04
N VAL G 151 5.87 0.99 27.80
CA VAL G 151 5.18 0.62 29.04
C VAL G 151 6.20 0.72 30.18
N ASP G 152 5.99 1.68 31.11
CA ASP G 152 6.91 2.00 32.22
C ASP G 152 8.32 2.25 31.66
N ASN G 153 8.39 2.99 30.53
CA ASN G 153 9.57 3.33 29.72
C ASN G 153 10.18 2.20 28.91
N ALA G 154 9.65 0.97 29.05
CA ALA G 154 10.12 -0.20 28.30
C ALA G 154 9.46 -0.24 26.92
N LEU G 155 10.30 -0.23 25.87
CA LEU G 155 9.84 -0.27 24.47
C LEU G 155 9.18 -1.63 24.18
N GLN G 156 7.98 -1.59 23.57
CA GLN G 156 7.19 -2.78 23.25
C GLN G 156 7.51 -3.37 21.90
N SER G 157 7.38 -4.70 21.76
CA SER G 157 7.61 -5.40 20.50
C SER G 157 6.72 -6.62 20.39
N GLY G 158 6.18 -6.85 19.18
CA GLY G 158 5.33 -7.97 18.84
C GLY G 158 3.95 -8.02 19.49
N ASN G 159 3.52 -6.93 20.14
CA ASN G 159 2.21 -6.93 20.80
C ASN G 159 1.27 -5.77 20.38
N SER G 160 1.50 -5.22 19.21
CA SER G 160 0.69 -4.14 18.66
C SER G 160 0.37 -4.35 17.19
N GLN G 161 -0.78 -3.84 16.73
CA GLN G 161 -1.14 -3.94 15.30
C GLN G 161 -1.61 -2.56 14.85
N GLU G 162 -1.34 -2.24 13.60
CA GLU G 162 -1.72 -0.97 12.97
C GLU G 162 -2.74 -1.16 11.88
N SER G 163 -3.57 -0.12 11.68
CA SER G 163 -4.55 0.02 10.60
C SER G 163 -4.44 1.45 10.05
N VAL G 164 -4.51 1.62 8.72
CA VAL G 164 -4.44 2.93 8.04
C VAL G 164 -5.66 3.10 7.15
N THR G 165 -6.27 4.28 7.19
CA THR G 165 -7.40 4.65 6.33
C THR G 165 -6.90 4.94 4.90
N GLU G 166 -7.85 5.00 3.97
CA GLU G 166 -7.62 5.37 2.59
C GLU G 166 -7.59 6.88 2.64
N GLN G 167 -7.19 7.53 1.55
CA GLN G 167 -7.12 9.00 1.54
C GLN G 167 -8.44 9.64 1.93
N ASP G 168 -8.38 10.68 2.76
CA ASP G 168 -9.61 11.31 3.18
C ASP G 168 -10.28 12.01 2.00
N SER G 169 -11.58 11.76 1.85
CA SER G 169 -12.43 12.31 0.77
C SER G 169 -12.44 13.85 0.70
N LYS G 170 -12.18 14.54 1.81
CA LYS G 170 -12.16 16.00 1.87
C LYS G 170 -10.77 16.63 1.87
N ASP G 171 -9.79 16.06 2.58
CA ASP G 171 -8.47 16.67 2.69
C ASP G 171 -7.29 15.83 2.23
N SER G 172 -7.52 14.63 1.65
CA SER G 172 -6.40 13.80 1.12
C SER G 172 -5.38 13.25 2.13
N THR G 173 -5.66 13.37 3.43
CA THR G 173 -4.78 12.87 4.48
C THR G 173 -5.07 11.41 4.83
N TYR G 174 -4.21 10.84 5.66
CA TYR G 174 -4.39 9.50 6.18
C TYR G 174 -4.54 9.64 7.67
N SER G 175 -5.17 8.62 8.27
CA SER G 175 -5.30 8.44 9.71
C SER G 175 -4.84 7.00 10.00
N LEU G 176 -4.16 6.81 11.14
CA LEU G 176 -3.65 5.51 11.54
C LEU G 176 -4.06 5.20 12.98
N SER G 177 -4.39 3.93 13.22
CA SER G 177 -4.66 3.46 14.59
C SER G 177 -3.63 2.39 14.93
N SER G 178 -3.04 2.49 16.12
CA SER G 178 -2.13 1.46 16.63
C SER G 178 -2.76 0.93 17.89
N THR G 179 -2.93 -0.40 17.97
CA THR G 179 -3.53 -1.04 19.16
C THR G 179 -2.52 -1.95 19.82
N LEU G 180 -2.28 -1.68 21.10
CA LEU G 180 -1.41 -2.49 21.96
C LEU G 180 -2.32 -3.44 22.76
N THR G 181 -2.10 -4.76 22.60
CA THR G 181 -2.89 -5.78 23.28
C THR G 181 -2.07 -6.49 24.40
N LEU G 182 -2.57 -6.39 25.64
CA LEU G 182 -1.96 -7.01 26.83
C LEU G 182 -3.03 -7.74 27.63
N SER G 183 -2.61 -8.70 28.47
CA SER G 183 -3.50 -9.40 29.41
C SER G 183 -3.89 -8.40 30.51
N LYS G 184 -4.99 -8.65 31.24
CA LYS G 184 -5.37 -7.78 32.37
C LYS G 184 -4.22 -7.78 33.41
N ALA G 185 -3.57 -8.98 33.60
CA ALA G 185 -2.43 -9.21 34.49
C ALA G 185 -1.27 -8.26 34.18
N ASP G 186 -0.74 -8.31 32.94
CA ASP G 186 0.36 -7.44 32.50
C ASP G 186 -0.02 -5.96 32.57
N TYR G 187 -1.24 -5.61 32.12
CA TYR G 187 -1.71 -4.22 32.14
C TYR G 187 -1.73 -3.64 33.56
N GLU G 188 -2.24 -4.44 34.53
CA GLU G 188 -2.31 -4.02 35.94
C GLU G 188 -0.97 -4.00 36.69
N LYS G 189 0.07 -4.61 36.08
CA LYS G 189 1.43 -4.67 36.63
C LYS G 189 2.23 -3.37 36.36
N HIS G 190 1.73 -2.49 35.46
CA HIS G 190 2.42 -1.24 35.09
C HIS G 190 1.52 -0.01 35.18
N LYS G 191 2.11 1.19 35.27
CA LYS G 191 1.35 2.43 35.40
C LYS G 191 1.40 3.37 34.18
N VAL G 192 2.61 3.59 33.62
CA VAL G 192 2.82 4.55 32.51
C VAL G 192 2.68 3.93 31.11
N TYR G 193 1.68 4.39 30.36
CA TYR G 193 1.41 3.90 29.00
C TYR G 193 1.60 5.02 28.02
N ALA G 194 2.54 4.85 27.09
CA ALA G 194 2.87 5.91 26.13
C ALA G 194 3.05 5.43 24.71
N CYS G 195 2.61 6.25 23.74
CA CYS G 195 2.91 5.97 22.34
C CYS G 195 3.65 7.16 21.79
N GLU G 196 4.80 6.88 21.19
CA GLU G 196 5.70 7.86 20.61
C GLU G 196 5.56 7.80 19.10
N VAL G 197 5.31 8.96 18.49
CA VAL G 197 5.07 9.09 17.05
C VAL G 197 6.18 9.87 16.33
N THR G 198 6.80 9.22 15.33
CA THR G 198 7.80 9.83 14.46
C THR G 198 7.14 9.96 13.08
N HIS G 199 7.11 11.18 12.57
CA HIS G 199 6.56 11.56 11.27
C HIS G 199 7.32 12.74 10.65
N GLN G 200 7.50 12.69 9.32
CA GLN G 200 8.14 13.71 8.47
C GLN G 200 7.66 15.15 8.74
N GLY G 201 6.36 15.32 9.00
CA GLY G 201 5.75 16.62 9.26
C GLY G 201 5.98 17.19 10.65
N LEU G 202 6.53 16.40 11.55
CA LEU G 202 6.85 16.78 12.93
C LEU G 202 8.36 17.09 13.04
N SER G 203 8.73 18.21 13.72
CA SER G 203 10.14 18.59 13.92
C SER G 203 10.87 17.55 14.79
N SER G 204 10.19 17.06 15.83
CA SER G 204 10.66 16.04 16.76
C SER G 204 9.50 15.07 17.12
N PRO G 205 9.78 13.78 17.48
CA PRO G 205 8.70 12.85 17.85
C PRO G 205 7.75 13.33 18.94
N VAL G 206 6.44 13.05 18.76
CA VAL G 206 5.37 13.43 19.69
C VAL G 206 4.96 12.21 20.54
N THR G 207 4.89 12.38 21.86
CA THR G 207 4.50 11.31 22.77
C THR G 207 3.20 11.67 23.46
N LYS G 208 2.28 10.72 23.52
CA LYS G 208 1.03 10.87 24.24
C LYS G 208 1.01 9.75 25.24
N SER G 209 0.76 10.09 26.51
CA SER G 209 0.79 9.11 27.59
C SER G 209 -0.32 9.29 28.61
N PHE G 210 -0.55 8.24 29.42
CA PHE G 210 -1.50 8.24 30.54
C PHE G 210 -0.96 7.35 31.66
N ASN G 211 -1.38 7.63 32.92
CA ASN G 211 -1.07 6.84 34.12
C ASN G 211 -2.32 6.02 34.46
N ARG G 212 -2.18 4.68 34.47
CA ARG G 212 -3.27 3.74 34.78
C ARG G 212 -4.01 4.10 36.06
N GLY G 213 -5.29 4.44 35.90
CA GLY G 213 -6.19 4.83 37.00
C GLY G 213 -6.16 6.30 37.36
N GLU G 214 -5.87 7.19 36.39
CA GLU G 214 -5.82 8.65 36.57
C GLU G 214 -6.57 9.35 35.45
#